data_1RZ8
#
_entry.id   1RZ8
#
_cell.length_a   63.212
_cell.length_b   117.460
_cell.length_c   154.813
_cell.angle_alpha   90.00
_cell.angle_beta   90.00
_cell.angle_gamma   90.00
#
_symmetry.space_group_name_H-M   'P 21 21 21'
#
loop_
_entity.id
_entity.type
_entity.pdbx_description
1 polymer 'Fab 17b light chain'
2 polymer 'Fab 17b heavy chain'
3 water water
#
loop_
_entity_poly.entity_id
_entity_poly.type
_entity_poly.pdbx_seq_one_letter_code
_entity_poly.pdbx_strand_id
1 'polypeptide(L)'
;DIVMTQSPATLSVSPGERATLSCRASESVSSDLAWYQQKPGQAPRLLIYGASTRATGVPARFSGSGSGAEFTLTISSLQS
EDFAVYYCQQYNNWPPRYTFGQGTRLEIKRTVAAPSVFIFPPSDEQLKSGTASVVCLLNNFYPREAKVQWKVDNALQSGN
SQESVTEQDSKDSTYSLSSTLTLSKADYEKHKVYACEVTHQGLSSPVTKSFNRG
;
A,C
2 'polypeptide(L)'
;EVQLVESGAEVKKPGSSVKVSCKASGDTFIRYSFTWVRQAPGQGLEWMGRIITILDVAHYAPHLQGRVTITADKSTSTVY
LELRNLRSDDTAVYFCAGVYEGEADEGEYDNNGFLKHWGQGTLVTVSSASTKGPSVFPLAPSSKSTSGGTAALGCLVKDY
FPEPVTVSWNSGALTSGVHTFPAVLQSSGLYSLSSVVTVPSSSLGTQTYICNVNHKPSNTKVDKKVEP
;
B,D
#
# COMPACT_ATOMS: atom_id res chain seq x y z
N ASP A 1 -17.79 19.66 4.39
CA ASP A 1 -16.59 20.49 4.14
C ASP A 1 -15.77 20.58 5.41
N ILE A 2 -14.50 20.18 5.34
CA ILE A 2 -13.61 20.24 6.50
C ILE A 2 -12.80 21.53 6.40
N VAL A 3 -13.07 22.47 7.30
CA VAL A 3 -12.37 23.75 7.28
C VAL A 3 -11.05 23.76 8.04
N MET A 4 -10.00 24.19 7.35
CA MET A 4 -8.68 24.28 7.95
C MET A 4 -8.36 25.76 8.21
N THR A 5 -8.17 26.11 9.49
CA THR A 5 -7.88 27.48 9.88
C THR A 5 -6.45 27.69 10.35
N GLN A 6 -5.82 28.75 9.85
CA GLN A 6 -4.47 29.09 10.23
C GLN A 6 -4.43 30.52 10.75
N SER A 7 -4.16 30.67 12.03
CA SER A 7 -4.08 31.98 12.66
C SER A 7 -2.93 31.99 13.66
N PRO A 8 -2.20 33.12 13.74
CA PRO A 8 -2.42 34.32 12.94
C PRO A 8 -2.17 34.05 11.46
N ALA A 9 -2.69 34.92 10.60
CA ALA A 9 -2.49 34.79 9.17
C ALA A 9 -1.10 35.30 8.87
N THR A 10 -0.52 35.96 9.87
CA THR A 10 0.81 36.52 9.73
C THR A 10 1.57 36.53 11.06
N LEU A 11 2.86 36.19 10.98
CA LEU A 11 3.74 36.15 12.14
C LEU A 11 5.09 36.77 11.79
N SER A 12 5.71 37.39 12.79
CA SER A 12 6.99 38.02 12.61
C SER A 12 7.93 37.54 13.71
N VAL A 13 8.95 36.76 13.36
CA VAL A 13 9.86 36.28 14.39
C VAL A 13 11.30 36.57 13.99
N SER A 14 12.12 36.89 14.99
CA SER A 14 13.51 37.25 14.78
C SER A 14 14.39 36.17 14.15
N PRO A 15 15.41 36.60 13.40
CA PRO A 15 16.31 35.63 12.75
C PRO A 15 16.99 34.81 13.83
N GLY A 16 17.12 33.51 13.60
CA GLY A 16 17.77 32.65 14.57
C GLY A 16 16.83 32.15 15.64
N GLU A 17 15.65 32.77 15.76
CA GLU A 17 14.69 32.32 16.75
C GLU A 17 13.84 31.19 16.21
N ARG A 18 12.90 30.73 17.00
CA ARG A 18 12.04 29.63 16.62
C ARG A 18 10.62 30.08 16.31
N ALA A 19 10.16 29.76 15.09
CA ALA A 19 8.81 30.12 14.67
C ALA A 19 7.83 28.98 14.86
N THR A 20 6.64 29.31 15.37
CA THR A 20 5.60 28.31 15.59
C THR A 20 4.33 28.70 14.84
N LEU A 21 4.07 28.00 13.73
CA LEU A 21 2.87 28.26 12.93
C LEU A 21 1.76 27.34 13.39
N SER A 22 0.53 27.83 13.35
CA SER A 22 -0.62 27.04 13.82
C SER A 22 -1.61 26.66 12.72
N CYS A 23 -2.31 25.54 12.95
CA CYS A 23 -3.30 25.02 12.01
C CYS A 23 -4.27 24.13 12.76
N ARG A 24 -5.57 24.33 12.54
CA ARG A 24 -6.57 23.51 13.19
C ARG A 24 -7.64 23.11 12.18
N ALA A 25 -8.27 21.96 12.40
CA ALA A 25 -9.31 21.49 11.49
C ALA A 25 -10.67 21.54 12.18
N SER A 26 -11.71 21.88 11.43
CA SER A 26 -13.07 21.95 11.96
C SER A 26 -13.50 20.59 12.49
N GLU A 27 -12.66 19.58 12.31
CA GLU A 27 -12.94 18.23 12.78
C GLU A 27 -11.71 17.35 12.64
N SER A 28 -11.75 16.18 13.27
CA SER A 28 -10.63 15.26 13.24
C SER A 28 -10.22 14.88 11.81
N VAL A 29 -8.90 14.81 11.61
CA VAL A 29 -8.31 14.45 10.33
C VAL A 29 -7.15 13.52 10.69
N SER A 30 -7.15 13.07 11.95
CA SER A 30 -6.12 12.19 12.47
C SER A 30 -4.74 12.75 12.15
N SER A 31 -3.89 11.96 11.50
CA SER A 31 -2.55 12.44 11.17
C SER A 31 -2.39 12.80 9.69
N ASP A 32 -3.51 12.87 8.98
CA ASP A 32 -3.48 13.20 7.56
C ASP A 32 -3.42 14.72 7.39
N LEU A 33 -2.30 15.29 7.80
CA LEU A 33 -2.10 16.73 7.72
C LEU A 33 -0.72 16.98 7.10
N ALA A 34 -0.65 17.87 6.12
CA ALA A 34 0.63 18.17 5.46
C ALA A 34 0.94 19.66 5.55
N TRP A 35 2.22 20.00 5.50
CA TRP A 35 2.67 21.39 5.55
C TRP A 35 3.44 21.78 4.29
N TYR A 36 3.15 22.97 3.77
CA TYR A 36 3.82 23.44 2.56
C TYR A 36 4.44 24.83 2.76
N GLN A 37 5.54 25.07 2.06
CA GLN A 37 6.24 26.36 2.14
C GLN A 37 6.21 27.01 0.77
N GLN A 38 5.63 28.21 0.68
CA GLN A 38 5.59 28.86 -0.61
C GLN A 38 6.27 30.21 -0.66
N LYS A 39 7.42 30.24 -1.33
CA LYS A 39 8.18 31.46 -1.47
C LYS A 39 7.63 32.24 -2.65
N PRO A 40 7.89 33.55 -2.70
CA PRO A 40 7.42 34.45 -3.75
C PRO A 40 7.61 33.92 -5.18
N GLY A 41 6.59 34.09 -6.01
CA GLY A 41 6.65 33.65 -7.39
C GLY A 41 7.05 32.20 -7.55
N GLN A 42 6.85 31.41 -6.49
CA GLN A 42 7.19 30.00 -6.53
C GLN A 42 5.99 29.11 -6.22
N ALA A 43 6.12 27.83 -6.55
CA ALA A 43 5.06 26.88 -6.28
C ALA A 43 5.28 26.35 -4.87
N PRO A 44 4.21 25.92 -4.20
CA PRO A 44 4.37 25.40 -2.84
C PRO A 44 5.41 24.26 -2.82
N ARG A 45 6.04 24.07 -1.67
CA ARG A 45 7.03 23.02 -1.50
C ARG A 45 6.60 22.18 -0.31
N LEU A 46 6.50 20.87 -0.52
CA LEU A 46 6.09 19.94 0.55
C LEU A 46 7.16 19.90 1.64
N LEU A 47 6.73 20.10 2.89
CA LEU A 47 7.64 20.08 4.01
C LEU A 47 7.33 18.90 4.90
N ILE A 48 6.08 18.80 5.33
CA ILE A 48 5.66 17.74 6.22
C ILE A 48 4.40 17.03 5.75
N TYR A 49 4.36 15.71 5.98
CA TYR A 49 3.17 14.92 5.68
C TYR A 49 3.00 13.94 6.81
N GLY A 50 1.79 13.45 6.99
CA GLY A 50 1.52 12.54 8.09
C GLY A 50 1.70 13.30 9.39
N ALA A 51 1.49 14.60 9.32
CA ALA A 51 1.60 15.51 10.47
C ALA A 51 2.99 15.73 11.03
N SER A 52 3.87 14.73 10.95
CA SER A 52 5.21 14.90 11.51
C SER A 52 6.37 14.31 10.73
N THR A 53 6.12 13.88 9.50
CA THR A 53 7.18 13.29 8.69
C THR A 53 7.86 14.31 7.79
N ARG A 54 9.16 14.48 7.99
CA ARG A 54 9.90 15.41 7.15
C ARG A 54 10.04 14.78 5.78
N ALA A 55 9.73 15.56 4.75
CA ALA A 55 9.83 15.09 3.36
C ALA A 55 11.30 15.12 2.96
N THR A 56 11.59 14.54 1.81
CA THR A 56 12.96 14.49 1.29
C THR A 56 13.57 15.87 1.10
N GLY A 57 14.84 16.00 1.48
CA GLY A 57 15.54 17.27 1.33
C GLY A 57 15.05 18.42 2.19
N VAL A 58 14.31 18.09 3.25
CA VAL A 58 13.81 19.12 4.15
C VAL A 58 14.63 19.18 5.43
N PRO A 59 15.17 20.36 5.76
CA PRO A 59 15.99 20.56 6.97
C PRO A 59 15.31 20.06 8.23
N ALA A 60 16.12 19.68 9.21
CA ALA A 60 15.62 19.15 10.47
C ALA A 60 15.00 20.20 11.38
N ARG A 61 15.21 21.47 11.06
CA ARG A 61 14.63 22.54 11.86
C ARG A 61 13.10 22.56 11.70
N PHE A 62 12.63 22.10 10.54
CA PHE A 62 11.20 22.03 10.25
C PHE A 62 10.65 20.80 10.96
N SER A 63 9.68 21.00 11.84
CA SER A 63 9.11 19.90 12.60
C SER A 63 7.58 19.91 12.61
N GLY A 64 6.99 18.76 12.30
CA GLY A 64 5.55 18.65 12.31
C GLY A 64 5.10 18.15 13.67
N SER A 65 3.90 18.51 14.09
CA SER A 65 3.40 18.08 15.37
C SER A 65 1.90 18.23 15.44
N GLY A 66 1.27 17.42 16.29
CA GLY A 66 -0.18 17.47 16.44
C GLY A 66 -0.90 16.30 15.81
N SER A 67 -2.21 16.25 16.05
CA SER A 67 -3.05 15.19 15.50
C SER A 67 -4.53 15.44 15.83
N GLY A 68 -5.41 14.93 15.01
CA GLY A 68 -6.83 15.12 15.25
C GLY A 68 -7.35 16.41 14.64
N ALA A 69 -7.17 17.52 15.36
CA ALA A 69 -7.65 18.81 14.88
C ALA A 69 -6.68 19.95 15.17
N GLU A 70 -5.69 19.68 16.01
CA GLU A 70 -4.71 20.69 16.37
C GLU A 70 -3.34 20.30 15.86
N PHE A 71 -2.73 21.18 15.07
CA PHE A 71 -1.41 20.89 14.51
C PHE A 71 -0.47 22.08 14.66
N THR A 72 0.82 21.86 14.44
CA THR A 72 1.78 22.94 14.58
C THR A 72 3.02 22.74 13.73
N LEU A 73 3.52 23.83 13.17
CA LEU A 73 4.72 23.80 12.36
C LEU A 73 5.80 24.63 13.05
N THR A 74 6.98 24.05 13.23
CA THR A 74 8.06 24.77 13.88
C THR A 74 9.31 24.84 13.03
N ILE A 75 9.90 26.02 12.98
CA ILE A 75 11.12 26.27 12.24
C ILE A 75 12.02 26.79 13.36
N SER A 76 12.88 25.90 13.86
CA SER A 76 13.76 26.19 15.00
C SER A 76 14.87 27.24 14.90
N SER A 77 15.37 27.50 13.70
CA SER A 77 16.43 28.49 13.60
C SER A 77 16.15 29.33 12.37
N LEU A 78 15.10 30.16 12.47
CA LEU A 78 14.66 30.98 11.36
C LEU A 78 15.76 31.76 10.65
N GLN A 79 15.81 31.59 9.33
CA GLN A 79 16.80 32.26 8.50
C GLN A 79 16.09 33.17 7.51
N SER A 80 16.87 33.97 6.79
CA SER A 80 16.29 34.88 5.80
C SER A 80 15.56 34.10 4.71
N GLU A 81 16.22 33.07 4.17
CA GLU A 81 15.66 32.24 3.12
C GLU A 81 14.39 31.51 3.51
N ASP A 82 13.95 31.67 4.76
CA ASP A 82 12.74 31.02 5.24
C ASP A 82 11.50 31.88 5.04
N PHE A 83 11.64 33.05 4.46
CA PHE A 83 10.45 33.87 4.27
C PHE A 83 9.53 33.22 3.28
N ALA A 84 8.26 33.07 3.68
CA ALA A 84 7.27 32.45 2.83
C ALA A 84 5.92 32.40 3.51
N VAL A 85 4.94 31.87 2.78
CA VAL A 85 3.61 31.70 3.32
C VAL A 85 3.55 30.21 3.51
N TYR A 86 3.22 29.77 4.72
CA TYR A 86 3.16 28.35 5.00
C TYR A 86 1.72 27.90 5.04
N TYR A 87 1.45 26.82 4.33
CA TYR A 87 0.11 26.26 4.24
C TYR A 87 0.03 24.84 4.80
N CYS A 88 -1.10 24.51 5.42
CA CYS A 88 -1.33 23.18 5.95
C CYS A 88 -2.49 22.63 5.13
N GLN A 89 -2.47 21.34 4.87
CA GLN A 89 -3.51 20.71 4.08
C GLN A 89 -3.91 19.38 4.69
N GLN A 90 -5.22 19.17 4.81
CA GLN A 90 -5.71 17.91 5.35
C GLN A 90 -6.14 17.05 4.18
N TYR A 91 -6.02 15.74 4.34
CA TYR A 91 -6.40 14.79 3.31
C TYR A 91 -6.83 13.49 3.99
N ASN A 92 -7.77 13.61 4.92
CA ASN A 92 -8.26 12.47 5.70
C ASN A 92 -9.65 11.96 5.28
N ASN A 93 -10.39 12.77 4.53
CA ASN A 93 -11.73 12.37 4.12
C ASN A 93 -11.79 11.53 2.83
N TRP A 94 -12.93 10.88 2.63
CA TRP A 94 -13.15 10.06 1.45
C TRP A 94 -14.64 10.00 1.15
N PRO A 95 -15.03 10.26 -0.11
CA PRO A 95 -14.20 10.57 -1.29
C PRO A 95 -13.17 11.69 -1.04
N PRO A 96 -12.05 11.66 -1.80
CA PRO A 96 -10.98 12.65 -1.67
C PRO A 96 -11.43 14.07 -1.97
N ARG A 97 -11.72 14.83 -0.94
CA ARG A 97 -12.13 16.21 -1.10
C ARG A 97 -11.34 17.02 -0.09
N TYR A 98 -10.04 17.08 -0.37
CA TYR A 98 -9.09 17.77 0.49
C TYR A 98 -9.22 19.28 0.47
N THR A 99 -8.76 19.90 1.55
CA THR A 99 -8.86 21.33 1.72
C THR A 99 -7.59 21.86 2.33
N PHE A 100 -7.30 23.13 2.07
CA PHE A 100 -6.10 23.81 2.58
C PHE A 100 -6.48 24.89 3.57
N GLY A 101 -5.57 25.20 4.47
CA GLY A 101 -5.82 26.29 5.38
C GLY A 101 -5.44 27.50 4.53
N GLN A 102 -5.74 28.71 5.00
CA GLN A 102 -5.42 29.88 4.18
C GLN A 102 -4.03 30.46 4.34
N GLY A 103 -3.13 29.66 4.93
CA GLY A 103 -1.74 30.09 5.09
C GLY A 103 -1.42 31.15 6.13
N THR A 104 -0.14 31.20 6.49
CA THR A 104 0.38 32.18 7.44
C THR A 104 1.64 32.76 6.82
N ARG A 105 1.69 34.09 6.71
CA ARG A 105 2.87 34.72 6.14
C ARG A 105 3.89 34.88 7.27
N LEU A 106 5.09 34.35 7.06
CA LEU A 106 6.13 34.42 8.07
C LEU A 106 7.22 35.44 7.74
N GLU A 107 7.13 36.59 8.37
CA GLU A 107 8.12 37.64 8.14
C GLU A 107 9.27 37.50 9.13
N ILE A 108 10.49 37.64 8.61
CA ILE A 108 11.69 37.55 9.43
C ILE A 108 11.88 38.93 10.03
N LYS A 109 11.72 39.05 11.35
CA LYS A 109 11.86 40.36 12.01
C LYS A 109 13.32 40.76 12.25
N ARG A 110 14.02 41.12 11.18
CA ARG A 110 15.40 41.52 11.26
C ARG A 110 15.54 42.90 11.87
N THR A 111 16.78 43.39 11.92
CA THR A 111 17.07 44.70 12.47
C THR A 111 16.68 45.79 11.47
N VAL A 112 16.53 47.02 11.94
CA VAL A 112 16.17 48.12 11.07
C VAL A 112 17.29 48.46 10.08
N ALA A 113 16.90 48.73 8.84
CA ALA A 113 17.86 49.10 7.81
C ALA A 113 17.25 50.27 7.04
N ALA A 114 17.98 51.38 6.99
CA ALA A 114 17.50 52.56 6.29
C ALA A 114 17.51 52.25 4.79
N PRO A 115 16.61 52.88 4.03
CA PRO A 115 16.53 52.67 2.58
C PRO A 115 17.52 53.54 1.82
N SER A 116 18.01 53.03 0.69
CA SER A 116 18.91 53.81 -0.14
C SER A 116 17.97 54.32 -1.23
N VAL A 117 17.96 55.63 -1.43
CA VAL A 117 17.06 56.23 -2.40
C VAL A 117 17.70 56.60 -3.73
N PHE A 118 16.93 56.43 -4.79
CA PHE A 118 17.38 56.76 -6.14
C PHE A 118 16.18 57.32 -6.88
N ILE A 119 16.38 58.38 -7.65
CA ILE A 119 15.28 58.94 -8.41
C ILE A 119 15.63 58.83 -9.89
N PHE A 120 14.65 58.42 -10.69
CA PHE A 120 14.85 58.24 -12.12
C PHE A 120 13.96 59.14 -12.98
N PRO A 121 14.57 59.90 -13.87
CA PRO A 121 13.79 60.78 -14.74
C PRO A 121 13.15 59.97 -15.86
N PRO A 122 12.21 60.58 -16.60
CA PRO A 122 11.57 59.85 -17.69
C PRO A 122 12.59 59.66 -18.82
N SER A 123 12.53 58.53 -19.52
CA SER A 123 13.45 58.31 -20.62
C SER A 123 12.94 59.26 -21.69
N ASP A 124 13.73 59.47 -22.74
CA ASP A 124 13.29 60.37 -23.81
C ASP A 124 12.33 59.67 -24.76
N GLU A 125 12.47 58.35 -24.87
CA GLU A 125 11.60 57.58 -25.74
C GLU A 125 10.17 57.67 -25.24
N GLN A 126 9.97 57.57 -23.93
CA GLN A 126 8.62 57.64 -23.36
C GLN A 126 8.00 59.00 -23.60
N LEU A 127 8.80 60.06 -23.51
CA LEU A 127 8.29 61.40 -23.71
C LEU A 127 7.65 61.60 -25.09
N LYS A 128 8.20 60.95 -26.13
CA LYS A 128 7.64 61.07 -27.47
C LYS A 128 6.19 60.60 -27.46
N SER A 129 5.86 59.73 -26.52
CA SER A 129 4.52 59.18 -26.37
C SER A 129 3.58 60.10 -25.61
N GLY A 130 4.02 61.34 -25.38
CA GLY A 130 3.19 62.31 -24.68
C GLY A 130 2.94 62.06 -23.20
N THR A 131 3.63 61.08 -22.62
CA THR A 131 3.47 60.77 -21.21
C THR A 131 4.83 60.62 -20.52
N ALA A 132 4.91 61.08 -19.27
CA ALA A 132 6.15 61.01 -18.50
C ALA A 132 5.99 60.28 -17.17
N SER A 133 6.86 59.32 -16.91
CA SER A 133 6.84 58.55 -15.68
C SER A 133 8.11 58.85 -14.89
N VAL A 134 7.96 59.34 -13.67
CA VAL A 134 9.10 59.65 -12.83
C VAL A 134 9.16 58.58 -11.76
N VAL A 135 10.25 57.83 -11.76
CA VAL A 135 10.42 56.72 -10.82
C VAL A 135 11.38 56.96 -9.67
N CYS A 136 10.91 56.68 -8.46
CA CYS A 136 11.75 56.81 -7.27
C CYS A 136 11.88 55.40 -6.70
N LEU A 137 13.05 55.09 -6.16
CA LEU A 137 13.27 53.76 -5.62
C LEU A 137 13.83 53.80 -4.22
N LEU A 138 13.25 53.01 -3.32
CA LEU A 138 13.71 52.89 -1.94
C LEU A 138 14.25 51.46 -1.86
N ASN A 139 15.56 51.33 -1.80
CA ASN A 139 16.17 50.01 -1.80
C ASN A 139 16.65 49.42 -0.46
N ASN A 140 16.42 48.13 -0.33
CA ASN A 140 16.81 47.35 0.85
C ASN A 140 16.67 48.02 2.21
N PHE A 141 15.44 48.08 2.69
CA PHE A 141 15.18 48.68 3.99
C PHE A 141 14.26 47.78 4.79
N TYR A 142 14.16 48.05 6.08
CA TYR A 142 13.31 47.29 7.00
C TYR A 142 13.10 48.17 8.22
N PRO A 143 11.87 48.18 8.77
CA PRO A 143 10.65 47.46 8.36
C PRO A 143 10.03 47.95 7.05
N ARG A 144 8.89 47.37 6.67
CA ARG A 144 8.23 47.72 5.42
C ARG A 144 7.64 49.13 5.37
N GLU A 145 7.24 49.65 6.52
CA GLU A 145 6.63 50.99 6.60
C GLU A 145 7.54 52.08 6.01
N ALA A 146 7.03 52.81 5.03
CA ALA A 146 7.80 53.87 4.39
C ALA A 146 6.88 54.91 3.75
N LYS A 147 7.24 56.17 3.87
CA LYS A 147 6.43 57.24 3.28
C LYS A 147 7.23 57.91 2.18
N VAL A 148 6.65 57.99 0.99
CA VAL A 148 7.29 58.62 -0.15
C VAL A 148 6.48 59.84 -0.54
N GLN A 149 7.13 60.99 -0.54
CA GLN A 149 6.46 62.24 -0.85
C GLN A 149 7.05 62.86 -2.12
N TRP A 150 6.20 63.11 -3.10
CA TRP A 150 6.66 63.72 -4.34
C TRP A 150 6.43 65.22 -4.33
N LYS A 151 7.41 65.97 -4.83
CA LYS A 151 7.28 67.41 -4.90
C LYS A 151 7.78 67.90 -6.25
N VAL A 152 6.96 68.71 -6.91
CA VAL A 152 7.31 69.29 -8.20
C VAL A 152 7.41 70.78 -7.90
N ASP A 153 8.61 71.32 -7.96
CA ASP A 153 8.83 72.73 -7.65
C ASP A 153 8.26 72.99 -6.27
N ASN A 154 8.67 72.15 -5.32
CA ASN A 154 8.20 72.26 -3.93
C ASN A 154 6.69 72.13 -3.78
N ALA A 155 6.01 71.78 -4.87
CA ALA A 155 4.56 71.61 -4.81
C ALA A 155 4.31 70.14 -4.47
N LEU A 156 3.78 69.90 -3.29
CA LEU A 156 3.50 68.54 -2.87
C LEU A 156 2.40 67.89 -3.69
N GLN A 157 2.80 67.00 -4.60
CA GLN A 157 1.87 66.29 -5.47
C GLN A 157 1.06 65.26 -4.70
N SER A 158 -0.08 64.85 -5.27
CA SER A 158 -0.93 63.85 -4.60
C SER A 158 -1.96 63.19 -5.50
N GLY A 159 -2.12 61.89 -5.31
CA GLY A 159 -3.07 61.11 -6.09
C GLY A 159 -2.64 60.86 -7.53
N ASN A 160 -1.37 61.13 -7.83
CA ASN A 160 -0.85 60.93 -9.17
C ASN A 160 0.40 60.07 -9.18
N SER A 161 0.53 59.24 -8.15
CA SER A 161 1.68 58.34 -8.03
C SER A 161 1.20 56.98 -7.54
N GLN A 162 1.94 55.95 -7.92
CA GLN A 162 1.61 54.59 -7.51
C GLN A 162 2.88 53.91 -7.05
N GLU A 163 2.78 53.10 -6.01
CA GLU A 163 3.95 52.41 -5.51
C GLU A 163 3.74 50.90 -5.49
N SER A 164 4.85 50.18 -5.57
CA SER A 164 4.86 48.73 -5.56
C SER A 164 5.99 48.32 -4.62
N VAL A 165 5.75 47.27 -3.84
CA VAL A 165 6.76 46.79 -2.89
C VAL A 165 7.13 45.33 -3.17
N THR A 166 8.42 45.02 -3.13
CA THR A 166 8.84 43.63 -3.34
C THR A 166 8.55 42.86 -2.07
N GLU A 167 8.62 41.54 -2.15
CA GLU A 167 8.39 40.74 -0.96
C GLU A 167 9.72 40.68 -0.23
N GLN A 168 9.67 40.37 1.06
CA GLN A 168 10.88 40.29 1.87
C GLN A 168 11.97 39.48 1.18
N ASP A 169 13.14 40.09 1.02
CA ASP A 169 14.26 39.44 0.36
C ASP A 169 14.67 38.16 1.09
N SER A 170 14.99 37.12 0.33
CA SER A 170 15.38 35.84 0.91
C SER A 170 16.81 35.83 1.42
N LYS A 171 17.57 36.86 1.06
CA LYS A 171 18.96 36.93 1.49
C LYS A 171 19.16 37.86 2.68
N ASP A 172 18.58 39.06 2.63
CA ASP A 172 18.77 40.00 3.73
C ASP A 172 17.50 40.43 4.46
N SER A 173 16.36 39.83 4.12
CA SER A 173 15.10 40.16 4.78
C SER A 173 14.67 41.64 4.65
N THR A 174 15.22 42.34 3.66
CA THR A 174 14.86 43.75 3.44
C THR A 174 13.79 43.89 2.36
N TYR A 175 13.20 45.07 2.23
CA TYR A 175 12.20 45.32 1.21
C TYR A 175 12.77 46.33 0.24
N SER A 176 12.08 46.53 -0.87
CA SER A 176 12.45 47.52 -1.87
C SER A 176 11.11 48.06 -2.32
N LEU A 177 11.04 49.36 -2.54
CA LEU A 177 9.78 49.98 -2.94
C LEU A 177 10.00 50.94 -4.10
N SER A 178 9.05 50.95 -5.02
CA SER A 178 9.11 51.83 -6.16
C SER A 178 7.88 52.74 -6.15
N SER A 179 8.10 54.03 -6.35
CA SER A 179 7.03 54.99 -6.41
C SER A 179 7.09 55.60 -7.80
N THR A 180 5.99 55.53 -8.54
CA THR A 180 5.99 56.08 -9.88
C THR A 180 5.01 57.23 -10.04
N LEU A 181 5.55 58.43 -10.25
CA LEU A 181 4.73 59.62 -10.44
C LEU A 181 4.41 59.68 -11.92
N THR A 182 3.13 59.81 -12.25
CA THR A 182 2.74 59.89 -13.66
C THR A 182 2.05 61.21 -14.01
N LEU A 183 2.48 61.81 -15.11
CA LEU A 183 1.90 63.06 -15.58
C LEU A 183 2.10 63.19 -17.08
N SER A 184 1.30 64.05 -17.71
CA SER A 184 1.37 64.26 -19.15
C SER A 184 2.69 64.91 -19.55
N LYS A 185 3.18 64.59 -20.74
CA LYS A 185 4.41 65.19 -21.22
C LYS A 185 4.26 66.69 -21.10
N ALA A 186 3.05 67.17 -21.39
CA ALA A 186 2.73 68.59 -21.32
C ALA A 186 2.91 69.14 -19.91
N ASP A 187 2.36 68.45 -18.93
CA ASP A 187 2.48 68.87 -17.54
C ASP A 187 3.93 68.80 -17.10
N TYR A 188 4.62 67.75 -17.51
CA TYR A 188 6.02 67.55 -17.15
C TYR A 188 6.93 68.68 -17.62
N GLU A 189 6.83 69.02 -18.91
CA GLU A 189 7.66 70.06 -19.50
C GLU A 189 7.49 71.46 -18.92
N LYS A 190 6.34 71.74 -18.32
CA LYS A 190 6.13 73.06 -17.73
C LYS A 190 6.51 73.05 -16.25
N HIS A 191 7.61 72.36 -15.94
CA HIS A 191 8.11 72.25 -14.58
C HIS A 191 9.61 71.93 -14.59
N LYS A 192 10.31 72.31 -13.53
CA LYS A 192 11.75 72.11 -13.47
C LYS A 192 12.30 71.20 -12.37
N VAL A 193 11.79 71.32 -11.15
CA VAL A 193 12.31 70.50 -10.07
C VAL A 193 11.42 69.38 -9.57
N TYR A 194 11.91 68.16 -9.75
CA TYR A 194 11.20 66.96 -9.32
C TYR A 194 11.94 66.35 -8.15
N ALA A 195 11.22 66.11 -7.06
CA ALA A 195 11.85 65.55 -5.88
C ALA A 195 11.08 64.40 -5.24
N CYS A 196 11.84 63.49 -4.63
CA CYS A 196 11.31 62.32 -3.95
C CYS A 196 11.75 62.36 -2.49
N GLU A 197 10.84 62.70 -1.59
CA GLU A 197 11.15 62.80 -0.16
C GLU A 197 10.80 61.55 0.63
N VAL A 198 11.82 60.77 1.00
CA VAL A 198 11.61 59.53 1.75
C VAL A 198 11.69 59.66 3.28
N THR A 199 10.83 58.91 3.96
CA THR A 199 10.79 58.91 5.42
C THR A 199 10.76 57.46 5.92
N HIS A 200 11.71 57.11 6.78
CA HIS A 200 11.80 55.74 7.31
C HIS A 200 12.53 55.73 8.66
N GLN A 201 12.13 54.83 9.55
CA GLN A 201 12.72 54.72 10.88
C GLN A 201 14.25 54.72 10.86
N GLY A 202 14.83 54.03 9.88
CA GLY A 202 16.27 53.97 9.78
C GLY A 202 16.88 55.31 9.42
N LEU A 203 16.05 56.27 9.04
CA LEU A 203 16.53 57.58 8.68
C LEU A 203 16.33 58.59 9.80
N SER A 204 17.41 59.22 10.22
CA SER A 204 17.36 60.23 11.28
C SER A 204 16.36 61.32 10.92
N SER A 205 16.38 61.71 9.64
CA SER A 205 15.49 62.73 9.11
C SER A 205 15.29 62.47 7.63
N PRO A 206 14.11 62.84 7.09
CA PRO A 206 13.72 62.67 5.69
C PRO A 206 14.82 62.90 4.65
N VAL A 207 15.03 61.89 3.80
CA VAL A 207 16.02 61.95 2.73
C VAL A 207 15.34 62.25 1.41
N THR A 208 15.89 63.20 0.67
CA THR A 208 15.31 63.58 -0.61
C THR A 208 16.28 63.40 -1.77
N LYS A 209 15.75 63.01 -2.92
CA LYS A 209 16.57 62.85 -4.11
C LYS A 209 15.83 63.63 -5.18
N SER A 210 16.56 64.23 -6.10
CA SER A 210 15.91 65.01 -7.14
C SER A 210 16.78 65.30 -8.36
N PHE A 211 16.14 65.88 -9.37
CA PHE A 211 16.81 66.25 -10.60
C PHE A 211 16.06 67.44 -11.19
N ASN A 212 16.71 68.14 -12.11
CA ASN A 212 16.12 69.28 -12.77
C ASN A 212 15.80 68.85 -14.20
N ARG A 213 14.57 69.13 -14.64
CA ARG A 213 14.14 68.75 -15.98
C ARG A 213 15.13 69.20 -17.04
N GLY A 214 15.79 68.22 -17.68
CA GLY A 214 16.76 68.52 -18.72
C GLY A 214 18.20 68.54 -18.23
N GLU B 1 11.41 10.25 -9.53
CA GLU B 1 10.56 11.45 -9.30
C GLU B 1 10.26 12.20 -10.59
N VAL B 2 9.02 12.69 -10.73
CA VAL B 2 8.61 13.40 -11.92
C VAL B 2 8.88 14.90 -11.88
N GLN B 3 8.87 15.52 -13.06
CA GLN B 3 9.07 16.95 -13.22
C GLN B 3 7.86 17.41 -14.02
N LEU B 4 7.11 18.36 -13.47
CA LEU B 4 5.90 18.82 -14.15
C LEU B 4 6.07 20.15 -14.88
N VAL B 5 5.70 20.16 -16.15
CA VAL B 5 5.81 21.37 -16.97
C VAL B 5 4.47 21.75 -17.58
N GLU B 6 3.89 22.80 -17.01
CA GLU B 6 2.60 23.32 -17.43
C GLU B 6 2.66 24.23 -18.65
N SER B 7 1.51 24.39 -19.30
CA SER B 7 1.39 25.22 -20.49
C SER B 7 1.36 26.69 -20.11
N GLY B 8 1.56 27.55 -21.11
CA GLY B 8 1.61 28.99 -20.89
C GLY B 8 0.41 29.75 -20.36
N ALA B 9 0.65 31.01 -20.01
CA ALA B 9 -0.39 31.89 -19.48
C ALA B 9 -1.53 32.12 -20.47
N GLU B 10 -2.73 32.31 -19.95
CA GLU B 10 -3.90 32.54 -20.81
C GLU B 10 -4.90 33.58 -20.29
N VAL B 11 -5.56 34.25 -21.24
CA VAL B 11 -6.60 35.24 -20.95
C VAL B 11 -7.85 34.58 -21.50
N LYS B 12 -8.94 34.61 -20.75
CA LYS B 12 -10.19 33.98 -21.18
C LYS B 12 -11.40 34.82 -20.80
N LYS B 13 -12.34 34.96 -21.73
CA LYS B 13 -13.54 35.76 -21.48
C LYS B 13 -14.47 35.09 -20.48
N PRO B 14 -15.14 35.89 -19.66
CA PRO B 14 -16.08 35.31 -18.69
C PRO B 14 -17.05 34.42 -19.45
N GLY B 15 -17.30 33.23 -18.94
CA GLY B 15 -18.23 32.34 -19.60
C GLY B 15 -17.57 31.34 -20.53
N SER B 16 -16.31 31.56 -20.88
CA SER B 16 -15.63 30.61 -21.75
C SER B 16 -15.06 29.48 -20.90
N SER B 17 -14.36 28.56 -21.54
CA SER B 17 -13.75 27.44 -20.83
C SER B 17 -12.26 27.36 -21.15
N VAL B 18 -11.45 27.07 -20.13
CA VAL B 18 -10.01 26.99 -20.31
C VAL B 18 -9.52 25.56 -20.07
N LYS B 19 -8.51 25.15 -20.83
CA LYS B 19 -7.93 23.83 -20.68
C LYS B 19 -6.44 24.02 -20.47
N VAL B 20 -5.92 23.56 -19.34
CA VAL B 20 -4.50 23.71 -19.05
C VAL B 20 -3.84 22.34 -19.05
N SER B 21 -2.67 22.27 -19.68
CA SER B 21 -1.97 21.00 -19.73
C SER B 21 -0.81 20.96 -18.76
N CYS B 22 -0.39 19.75 -18.44
CA CYS B 22 0.71 19.52 -17.54
C CYS B 22 1.47 18.29 -18.01
N LYS B 23 2.72 18.48 -18.38
CA LYS B 23 3.52 17.36 -18.88
C LYS B 23 4.36 16.79 -17.75
N ALA B 24 4.32 15.47 -17.58
CA ALA B 24 5.10 14.83 -16.53
C ALA B 24 6.22 14.02 -17.16
N SER B 25 7.44 14.18 -16.66
CA SER B 25 8.58 13.45 -17.17
C SER B 25 9.24 12.72 -16.00
N GLY B 26 9.90 11.60 -16.29
CA GLY B 26 10.54 10.84 -15.23
C GLY B 26 9.89 9.50 -14.98
N ASP B 27 9.65 9.19 -13.70
CA ASP B 27 9.04 7.93 -13.26
C ASP B 27 7.86 7.42 -14.10
N THR B 28 7.30 6.29 -13.69
CA THR B 28 6.15 5.69 -14.37
C THR B 28 4.88 6.48 -14.08
N PHE B 29 4.33 7.08 -15.12
CA PHE B 29 3.12 7.91 -15.03
C PHE B 29 2.01 7.35 -14.16
N ILE B 30 1.56 6.14 -14.50
CA ILE B 30 0.45 5.50 -13.77
C ILE B 30 0.72 5.21 -12.29
N ARG B 31 1.96 5.36 -11.85
CA ARG B 31 2.25 5.12 -10.43
C ARG B 31 2.07 6.41 -9.68
N TYR B 32 1.53 7.41 -10.35
CA TYR B 32 1.30 8.69 -9.72
C TYR B 32 -0.16 9.10 -9.82
N SER B 33 -0.59 9.91 -8.86
CA SER B 33 -1.94 10.46 -8.87
C SER B 33 -1.62 11.94 -9.06
N PHE B 34 -2.52 12.70 -9.69
CA PHE B 34 -2.24 14.12 -9.90
C PHE B 34 -3.35 15.04 -9.39
N THR B 35 -2.94 16.20 -8.88
CA THR B 35 -3.87 17.16 -8.32
C THR B 35 -3.72 18.55 -8.92
N TRP B 36 -4.82 19.28 -9.00
CA TRP B 36 -4.79 20.64 -9.49
C TRP B 36 -5.15 21.56 -8.33
N VAL B 37 -4.26 22.50 -8.03
CA VAL B 37 -4.49 23.46 -6.96
C VAL B 37 -4.40 24.85 -7.56
N ARG B 38 -5.35 25.73 -7.22
CA ARG B 38 -5.31 27.09 -7.75
C ARG B 38 -5.15 28.12 -6.64
N GLN B 39 -4.66 29.29 -7.02
CA GLN B 39 -4.41 30.35 -6.06
C GLN B 39 -4.74 31.72 -6.65
N ALA B 40 -5.88 32.26 -6.25
CA ALA B 40 -6.29 33.57 -6.72
C ALA B 40 -5.24 34.55 -6.24
N PRO B 41 -5.01 35.63 -7.01
CA PRO B 41 -4.00 36.61 -6.59
C PRO B 41 -4.18 37.09 -5.14
N GLY B 42 -3.09 37.02 -4.39
CA GLY B 42 -3.09 37.45 -3.00
C GLY B 42 -3.82 36.53 -2.03
N GLN B 43 -4.41 35.46 -2.55
CA GLN B 43 -5.15 34.53 -1.69
C GLN B 43 -4.39 33.22 -1.47
N GLY B 44 -4.94 32.38 -0.60
CA GLY B 44 -4.31 31.10 -0.30
C GLY B 44 -4.47 30.07 -1.41
N LEU B 45 -4.36 28.80 -1.04
CA LEU B 45 -4.48 27.71 -1.98
C LEU B 45 -5.87 27.10 -1.96
N GLU B 46 -6.33 26.64 -3.12
CA GLU B 46 -7.62 25.98 -3.21
C GLU B 46 -7.43 24.67 -3.94
N TRP B 47 -7.75 23.59 -3.24
CA TRP B 47 -7.64 22.24 -3.79
C TRP B 47 -8.78 22.12 -4.81
N MET B 48 -8.47 21.71 -6.04
CA MET B 48 -9.51 21.59 -7.05
C MET B 48 -10.00 20.17 -7.26
N GLY B 49 -9.07 19.27 -7.52
CA GLY B 49 -9.43 17.88 -7.74
C GLY B 49 -8.20 17.02 -7.92
N ARG B 50 -8.39 15.71 -7.92
CA ARG B 50 -7.28 14.79 -8.09
C ARG B 50 -7.72 13.60 -8.91
N ILE B 51 -6.83 13.17 -9.81
CA ILE B 51 -7.13 12.02 -10.66
C ILE B 51 -6.29 10.81 -10.26
N ILE B 52 -6.94 9.66 -10.11
CA ILE B 52 -6.22 8.45 -9.78
C ILE B 52 -5.88 7.89 -11.15
N THR B 53 -4.77 8.38 -11.71
CA THR B 53 -4.30 8.02 -13.04
C THR B 53 -4.54 6.57 -13.47
N ILE B 54 -4.01 5.62 -12.71
CA ILE B 54 -4.17 4.20 -13.01
C ILE B 54 -5.63 3.78 -13.25
N LEU B 55 -6.54 4.22 -12.40
CA LEU B 55 -7.95 3.85 -12.55
C LEU B 55 -8.69 4.86 -13.40
N ASP B 56 -8.00 5.94 -13.74
CA ASP B 56 -8.56 7.02 -14.54
C ASP B 56 -9.84 7.57 -13.92
N VAL B 57 -9.82 7.69 -12.59
CA VAL B 57 -10.94 8.21 -11.84
C VAL B 57 -10.52 9.52 -11.17
N ALA B 58 -11.43 10.49 -11.13
CA ALA B 58 -11.10 11.76 -10.52
C ALA B 58 -12.21 12.24 -9.60
N HIS B 59 -11.83 12.95 -8.54
CA HIS B 59 -12.78 13.52 -7.59
C HIS B 59 -12.53 15.02 -7.56
N TYR B 60 -13.58 15.81 -7.32
CA TYR B 60 -13.41 17.27 -7.29
C TYR B 60 -14.02 18.00 -6.10
N ALA B 61 -13.56 19.22 -5.88
CA ALA B 61 -14.06 20.06 -4.79
C ALA B 61 -15.54 20.34 -5.05
N PRO B 62 -16.39 20.18 -4.02
CA PRO B 62 -17.83 20.41 -4.12
C PRO B 62 -18.29 21.67 -4.83
N HIS B 63 -17.58 22.78 -4.64
CA HIS B 63 -17.95 24.04 -5.29
C HIS B 63 -17.63 24.07 -6.78
N LEU B 64 -16.64 23.30 -7.20
CA LEU B 64 -16.24 23.25 -8.60
C LEU B 64 -16.90 22.10 -9.35
N GLN B 65 -17.55 21.21 -8.62
CA GLN B 65 -18.20 20.07 -9.23
C GLN B 65 -19.22 20.54 -10.28
N GLY B 66 -19.14 19.99 -11.47
CA GLY B 66 -20.06 20.37 -12.52
C GLY B 66 -19.41 21.21 -13.61
N ARG B 67 -18.38 21.96 -13.28
CA ARG B 67 -17.72 22.77 -14.30
C ARG B 67 -16.21 22.55 -14.40
N VAL B 68 -15.73 21.51 -13.74
CA VAL B 68 -14.30 21.21 -13.80
C VAL B 68 -14.12 19.75 -14.18
N THR B 69 -13.07 19.48 -14.94
CA THR B 69 -12.76 18.14 -15.38
C THR B 69 -11.25 17.96 -15.43
N ILE B 70 -10.78 16.85 -14.88
CA ILE B 70 -9.36 16.53 -14.85
C ILE B 70 -9.16 15.24 -15.65
N THR B 71 -8.23 15.25 -16.60
CA THR B 71 -7.98 14.05 -17.40
C THR B 71 -6.49 13.79 -17.47
N ALA B 72 -6.12 12.58 -17.86
CA ALA B 72 -4.73 12.22 -17.96
C ALA B 72 -4.59 11.18 -19.04
N ASP B 73 -3.62 11.34 -19.91
CA ASP B 73 -3.41 10.37 -20.96
C ASP B 73 -2.04 9.75 -20.74
N LYS B 74 -2.05 8.48 -20.35
CA LYS B 74 -0.83 7.72 -20.09
C LYS B 74 0.17 7.77 -21.25
N SER B 75 -0.34 7.69 -22.48
CA SER B 75 0.52 7.69 -23.64
C SER B 75 1.33 8.97 -23.84
N THR B 76 0.85 10.09 -23.32
CA THR B 76 1.58 11.34 -23.46
C THR B 76 2.05 11.88 -22.11
N SER B 77 1.79 11.11 -21.06
CA SER B 77 2.17 11.48 -19.70
C SER B 77 1.74 12.91 -19.42
N THR B 78 0.53 13.25 -19.83
CA THR B 78 0.00 14.59 -19.65
C THR B 78 -1.31 14.62 -18.87
N VAL B 79 -1.41 15.58 -17.95
CA VAL B 79 -2.60 15.77 -17.13
C VAL B 79 -3.25 17.06 -17.60
N TYR B 80 -4.58 17.04 -17.70
CA TYR B 80 -5.33 18.20 -18.18
C TYR B 80 -6.36 18.70 -17.18
N LEU B 81 -6.51 20.02 -17.12
CA LEU B 81 -7.49 20.66 -16.24
C LEU B 81 -8.38 21.50 -17.12
N GLU B 82 -9.69 21.24 -17.08
CA GLU B 82 -10.63 22.01 -17.87
C GLU B 82 -11.62 22.70 -16.94
N LEU B 83 -11.65 24.02 -17.00
CA LEU B 83 -12.57 24.80 -16.20
C LEU B 83 -13.55 25.48 -17.15
N ARG B 84 -14.84 25.23 -16.95
CA ARG B 84 -15.87 25.79 -17.81
C ARG B 84 -16.72 26.90 -17.17
N ASN B 85 -17.35 27.69 -18.03
CA ASN B 85 -18.20 28.81 -17.61
C ASN B 85 -17.44 29.68 -16.61
N LEU B 86 -16.26 30.13 -17.03
CA LEU B 86 -15.38 30.94 -16.20
C LEU B 86 -15.98 32.26 -15.72
N ARG B 87 -15.57 32.67 -14.52
CA ARG B 87 -16.01 33.92 -13.92
C ARG B 87 -14.77 34.63 -13.38
N SER B 88 -14.94 35.89 -12.99
CA SER B 88 -13.85 36.70 -12.47
C SER B 88 -13.06 35.99 -11.35
N ASP B 89 -13.80 35.34 -10.45
CA ASP B 89 -13.19 34.62 -9.33
C ASP B 89 -12.28 33.50 -9.78
N ASP B 90 -12.37 33.12 -11.05
CA ASP B 90 -11.53 32.04 -11.55
C ASP B 90 -10.14 32.52 -11.92
N THR B 91 -9.94 33.83 -11.96
CA THR B 91 -8.63 34.39 -12.27
C THR B 91 -7.68 33.90 -11.18
N ALA B 92 -6.63 33.19 -11.57
CA ALA B 92 -5.70 32.68 -10.59
C ALA B 92 -4.57 31.94 -11.27
N VAL B 93 -3.61 31.48 -10.47
CA VAL B 93 -2.52 30.70 -11.00
C VAL B 93 -2.96 29.26 -10.73
N TYR B 94 -2.97 28.45 -11.77
CA TYR B 94 -3.35 27.04 -11.64
C TYR B 94 -2.10 26.18 -11.61
N PHE B 95 -1.97 25.40 -10.54
CA PHE B 95 -0.83 24.53 -10.30
C PHE B 95 -1.14 23.06 -10.53
N CYS B 96 -0.20 22.40 -11.19
CA CYS B 96 -0.28 20.99 -11.45
C CYS B 96 0.60 20.38 -10.35
N ALA B 97 0.20 19.23 -9.81
CA ALA B 97 1.00 18.59 -8.77
C ALA B 97 0.64 17.12 -8.69
N GLY B 98 1.56 16.33 -8.16
CA GLY B 98 1.33 14.90 -8.05
C GLY B 98 2.13 14.28 -6.92
N VAL B 99 2.05 12.96 -6.81
CA VAL B 99 2.76 12.24 -5.77
C VAL B 99 2.84 10.77 -6.18
N TYR B 100 3.92 10.11 -5.77
CA TYR B 100 4.12 8.70 -6.07
C TYR B 100 3.13 7.92 -5.20
N GLU B 101 2.42 6.98 -5.83
CA GLU B 101 1.41 6.17 -5.13
C GLU B 101 1.82 4.72 -4.92
N GLY B 102 3.05 4.39 -5.24
CA GLY B 102 3.50 3.01 -5.08
C GLY B 102 3.50 2.25 -6.39
N GLU B 103 3.56 0.93 -6.31
CA GLU B 103 3.58 0.10 -7.51
C GLU B 103 2.14 -0.15 -7.93
N ALA B 104 1.50 0.90 -8.41
CA ALA B 104 0.10 0.87 -8.83
C ALA B 104 -0.19 -0.09 -9.96
N ASP B 105 0.78 -0.28 -10.84
CA ASP B 105 0.63 -1.17 -11.98
C ASP B 105 0.81 -2.63 -11.56
N GLU B 106 1.09 -2.84 -10.28
CA GLU B 106 1.27 -4.17 -9.73
C GLU B 106 0.43 -4.42 -8.49
N GLY B 107 -0.81 -3.92 -8.52
CA GLY B 107 -1.73 -4.12 -7.41
C GLY B 107 -1.62 -3.32 -6.14
N GLU B 108 -0.69 -2.37 -6.05
CA GLU B 108 -0.56 -1.58 -4.83
C GLU B 108 -0.86 -0.10 -5.02
N TYR B 109 -1.39 0.52 -3.98
CA TYR B 109 -1.70 1.94 -4.02
C TYR B 109 -1.66 2.50 -2.60
N ASP B 110 -0.91 3.59 -2.41
CA ASP B 110 -0.81 4.22 -1.09
C ASP B 110 -1.93 5.23 -0.88
N ASN B 111 -2.43 5.79 -1.97
CA ASN B 111 -3.47 6.80 -1.90
C ASN B 111 -2.96 7.97 -1.06
N ASN B 112 -1.75 8.42 -1.36
CA ASN B 112 -1.19 9.55 -0.65
C ASN B 112 -2.02 10.78 -1.04
N GLY B 113 -2.35 11.60 -0.05
CA GLY B 113 -3.15 12.78 -0.33
C GLY B 113 -2.32 14.05 -0.43
N PHE B 114 -1.05 13.96 -0.03
CA PHE B 114 -0.18 15.12 -0.08
C PHE B 114 0.43 15.28 -1.46
N LEU B 115 1.05 16.45 -1.69
CA LEU B 115 1.65 16.78 -2.98
C LEU B 115 3.15 17.06 -2.89
N LYS B 116 3.95 16.18 -3.49
CA LYS B 116 5.40 16.29 -3.48
C LYS B 116 5.99 17.03 -4.69
N HIS B 117 5.48 16.76 -5.88
CA HIS B 117 5.98 17.40 -7.09
C HIS B 117 5.00 18.41 -7.65
N TRP B 118 5.51 19.60 -7.97
CA TRP B 118 4.68 20.68 -8.50
C TRP B 118 5.18 21.25 -9.82
N GLY B 119 4.25 21.82 -10.58
CA GLY B 119 4.58 22.45 -11.84
C GLY B 119 4.89 23.91 -11.52
N GLN B 120 5.18 24.72 -12.54
CA GLN B 120 5.51 26.12 -12.29
C GLN B 120 4.24 26.95 -12.12
N GLY B 121 3.14 26.40 -12.60
CA GLY B 121 1.88 27.10 -12.50
C GLY B 121 1.53 27.69 -13.86
N THR B 122 0.32 28.22 -13.94
CA THR B 122 -0.18 28.83 -15.17
C THR B 122 -1.15 29.89 -14.74
N LEU B 123 -0.89 31.13 -15.16
CA LEU B 123 -1.81 32.20 -14.79
C LEU B 123 -2.95 32.23 -15.79
N VAL B 124 -4.17 32.27 -15.27
CA VAL B 124 -5.34 32.33 -16.11
C VAL B 124 -6.07 33.59 -15.73
N THR B 125 -6.19 34.51 -16.67
CA THR B 125 -6.88 35.76 -16.41
C THR B 125 -8.25 35.74 -17.08
N VAL B 126 -9.31 35.85 -16.27
CA VAL B 126 -10.67 35.88 -16.81
C VAL B 126 -10.98 37.34 -17.01
N SER B 127 -11.09 37.74 -18.27
CA SER B 127 -11.33 39.13 -18.59
C SER B 127 -11.79 39.26 -20.02
N SER B 128 -12.39 40.41 -20.34
CA SER B 128 -12.85 40.68 -21.70
C SER B 128 -11.95 41.76 -22.30
N ALA B 129 -10.93 42.19 -21.55
CA ALA B 129 -10.02 43.23 -22.03
C ALA B 129 -9.04 42.70 -23.07
N SER B 130 -8.61 43.59 -23.95
CA SER B 130 -7.69 43.25 -25.04
C SER B 130 -6.25 43.01 -24.62
N THR B 131 -5.63 42.02 -25.24
CA THR B 131 -4.23 41.71 -25.00
C THR B 131 -3.44 42.85 -25.61
N LYS B 132 -2.40 43.28 -24.91
CA LYS B 132 -1.56 44.37 -25.39
C LYS B 132 -0.11 44.24 -24.93
N GLY B 133 0.81 44.37 -25.87
CA GLY B 133 2.21 44.27 -25.55
C GLY B 133 2.70 45.50 -24.82
N PRO B 134 3.75 45.37 -23.98
CA PRO B 134 4.30 46.49 -23.23
C PRO B 134 5.40 47.24 -23.96
N SER B 135 5.67 48.45 -23.50
CA SER B 135 6.74 49.28 -24.02
C SER B 135 7.80 49.13 -22.94
N VAL B 136 9.07 49.09 -23.32
CA VAL B 136 10.13 48.96 -22.33
C VAL B 136 10.94 50.25 -22.35
N PHE B 137 10.89 50.99 -21.24
CA PHE B 137 11.62 52.24 -21.12
C PHE B 137 12.75 52.03 -20.14
N PRO B 138 13.91 52.65 -20.39
CA PRO B 138 15.06 52.51 -19.50
C PRO B 138 15.11 53.51 -18.37
N LEU B 139 15.57 53.03 -17.21
CA LEU B 139 15.75 53.89 -16.04
C LEU B 139 17.25 54.21 -16.01
N ALA B 140 17.60 55.44 -16.40
CA ALA B 140 18.99 55.88 -16.47
C ALA B 140 19.68 56.08 -15.12
N PRO B 141 20.89 55.51 -14.96
CA PRO B 141 21.78 55.51 -13.80
C PRO B 141 22.37 56.83 -13.29
N SER B 142 22.00 57.97 -13.85
CA SER B 142 22.54 59.25 -13.37
C SER B 142 22.34 59.36 -11.86
N SER B 143 21.48 58.49 -11.32
CA SER B 143 21.16 58.42 -9.90
C SER B 143 22.28 57.79 -9.07
N LYS B 144 23.03 58.63 -8.34
CA LYS B 144 24.14 58.19 -7.49
C LYS B 144 23.86 58.42 -6.01
N SER B 145 23.92 57.36 -5.20
CA SER B 145 23.67 57.52 -3.78
C SER B 145 24.99 57.49 -2.99
N THR B 146 25.65 56.34 -2.96
CA THR B 146 26.91 56.20 -2.25
C THR B 146 28.01 57.02 -2.92
N SER B 147 29.02 57.39 -2.13
CA SER B 147 30.18 58.16 -2.62
C SER B 147 30.67 57.43 -3.86
N GLY B 148 30.08 57.74 -5.01
CA GLY B 148 30.42 57.01 -6.21
C GLY B 148 29.72 55.69 -5.96
N GLY B 149 30.35 54.88 -5.10
CA GLY B 149 29.84 53.58 -4.68
C GLY B 149 28.77 52.87 -5.49
N THR B 150 27.53 52.92 -4.98
CA THR B 150 26.40 52.23 -5.60
C THR B 150 25.52 53.00 -6.58
N ALA B 151 25.32 52.39 -7.74
CA ALA B 151 24.48 52.98 -8.78
C ALA B 151 23.23 52.12 -8.95
N ALA B 152 22.12 52.74 -9.32
CA ALA B 152 20.88 52.01 -9.54
C ALA B 152 20.46 52.23 -10.99
N LEU B 153 19.80 51.22 -11.56
CA LEU B 153 19.33 51.31 -12.94
C LEU B 153 18.30 50.22 -13.19
N GLY B 154 17.50 50.38 -14.24
CA GLY B 154 16.49 49.38 -14.52
C GLY B 154 15.67 49.60 -15.78
N CYS B 155 14.54 48.91 -15.86
CA CYS B 155 13.65 49.02 -17.01
C CYS B 155 12.19 49.14 -16.58
N LEU B 156 11.46 50.04 -17.24
CA LEU B 156 10.05 50.27 -17.00
C LEU B 156 9.27 49.53 -18.06
N VAL B 157 8.54 48.50 -17.65
CA VAL B 157 7.73 47.68 -18.56
C VAL B 157 6.32 48.19 -18.37
N LYS B 158 5.93 49.08 -19.27
CA LYS B 158 4.66 49.76 -19.16
C LYS B 158 3.53 49.44 -20.15
N ASP B 159 2.32 49.58 -19.63
CA ASP B 159 1.08 49.39 -20.37
C ASP B 159 0.89 48.10 -21.15
N TYR B 160 0.79 47.00 -20.42
CA TYR B 160 0.60 45.70 -21.04
C TYR B 160 -0.58 44.99 -20.37
N PHE B 161 -1.14 44.01 -21.07
CA PHE B 161 -2.24 43.24 -20.52
C PHE B 161 -2.38 41.97 -21.36
N PRO B 162 -2.57 40.83 -20.70
CA PRO B 162 -2.67 40.74 -19.24
C PRO B 162 -1.30 40.37 -18.66
N GLU B 163 -1.32 39.84 -17.45
CA GLU B 163 -0.11 39.39 -16.79
C GLU B 163 0.11 37.99 -17.35
N PRO B 164 1.33 37.42 -17.21
CA PRO B 164 2.52 37.99 -16.56
C PRO B 164 3.56 38.47 -17.55
N VAL B 165 4.61 39.06 -17.01
CA VAL B 165 5.72 39.57 -17.80
C VAL B 165 6.96 39.16 -17.03
N THR B 166 7.96 38.61 -17.72
CA THR B 166 9.18 38.22 -17.04
C THR B 166 10.29 39.18 -17.42
N VAL B 167 11.22 39.37 -16.49
CA VAL B 167 12.35 40.26 -16.71
C VAL B 167 13.62 39.59 -16.20
N SER B 168 14.69 39.69 -16.98
CA SER B 168 15.98 39.13 -16.59
C SER B 168 17.01 40.17 -17.00
N TRP B 169 18.24 40.03 -16.50
CA TRP B 169 19.28 40.97 -16.86
C TRP B 169 20.47 40.25 -17.48
N ASN B 170 21.01 40.84 -18.54
CA ASN B 170 22.14 40.26 -19.25
C ASN B 170 21.88 38.78 -19.49
N SER B 171 20.75 38.51 -20.12
CA SER B 171 20.33 37.16 -20.45
C SER B 171 20.46 36.21 -19.26
N GLY B 172 20.25 36.74 -18.06
CA GLY B 172 20.32 35.92 -16.86
C GLY B 172 21.65 35.89 -16.13
N ALA B 173 22.65 36.60 -16.65
CA ALA B 173 23.97 36.63 -16.03
C ALA B 173 23.99 37.50 -14.78
N LEU B 174 23.23 38.60 -14.82
CA LEU B 174 23.13 39.53 -13.70
C LEU B 174 21.90 39.21 -12.88
N THR B 175 22.11 38.66 -11.68
CA THR B 175 21.01 38.30 -10.80
C THR B 175 21.21 38.88 -9.41
N SER B 176 22.42 39.33 -9.15
CA SER B 176 22.75 39.88 -7.85
C SER B 176 22.28 41.34 -7.76
N GLY B 177 21.53 41.65 -6.70
CA GLY B 177 21.04 43.01 -6.52
C GLY B 177 19.88 43.39 -7.43
N VAL B 178 19.21 42.39 -7.99
CA VAL B 178 18.09 42.63 -8.89
C VAL B 178 16.76 42.62 -8.15
N HIS B 179 15.95 43.63 -8.38
CA HIS B 179 14.63 43.73 -7.76
C HIS B 179 13.57 44.02 -8.80
N THR B 180 12.74 43.02 -9.07
CA THR B 180 11.66 43.18 -10.03
C THR B 180 10.37 43.26 -9.25
N PHE B 181 9.77 44.45 -9.25
CA PHE B 181 8.55 44.71 -8.53
C PHE B 181 7.29 44.06 -9.06
N PRO B 182 6.33 43.80 -8.17
CA PRO B 182 5.05 43.21 -8.50
C PRO B 182 4.40 44.13 -9.53
N ALA B 183 3.67 43.59 -10.49
CA ALA B 183 3.01 44.41 -11.49
C ALA B 183 1.99 45.28 -10.76
N VAL B 184 1.69 46.45 -11.32
CA VAL B 184 0.71 47.36 -10.74
C VAL B 184 -0.33 47.75 -11.79
N LEU B 185 -1.61 47.70 -11.43
CA LEU B 185 -2.66 48.06 -12.37
C LEU B 185 -2.84 49.58 -12.34
N GLN B 186 -2.52 50.23 -13.47
CA GLN B 186 -2.62 51.67 -13.57
C GLN B 186 -4.06 52.16 -13.76
N SER B 187 -4.23 53.49 -13.81
CA SER B 187 -5.53 54.13 -14.00
C SER B 187 -6.22 53.64 -15.27
N SER B 188 -5.41 53.44 -16.30
CA SER B 188 -5.90 52.98 -17.60
C SER B 188 -6.50 51.58 -17.55
N GLY B 189 -6.08 50.78 -16.58
CA GLY B 189 -6.58 49.42 -16.50
C GLY B 189 -5.50 48.52 -17.06
N LEU B 190 -4.41 49.14 -17.50
CA LEU B 190 -3.28 48.39 -18.04
C LEU B 190 -2.22 48.23 -16.94
N TYR B 191 -1.41 47.19 -17.07
CA TYR B 191 -0.36 46.93 -16.08
C TYR B 191 0.95 47.63 -16.39
N SER B 192 1.74 47.81 -15.34
CA SER B 192 3.06 48.40 -15.45
C SER B 192 3.91 47.78 -14.36
N LEU B 193 5.20 47.63 -14.66
CA LEU B 193 6.11 47.01 -13.72
C LEU B 193 7.53 47.47 -13.96
N SER B 194 8.28 47.67 -12.88
CA SER B 194 9.67 48.08 -13.00
C SER B 194 10.60 47.00 -12.47
N SER B 195 11.75 46.87 -13.11
CA SER B 195 12.78 45.94 -12.68
C SER B 195 14.02 46.80 -12.53
N VAL B 196 14.57 46.83 -11.31
CA VAL B 196 15.77 47.63 -11.07
C VAL B 196 16.88 46.73 -10.54
N VAL B 197 18.09 47.29 -10.51
CA VAL B 197 19.24 46.56 -10.05
C VAL B 197 20.33 47.56 -9.64
N THR B 198 21.01 47.24 -8.55
CA THR B 198 22.08 48.08 -8.05
C THR B 198 23.41 47.42 -8.34
N VAL B 199 24.31 48.19 -8.95
CA VAL B 199 25.62 47.73 -9.34
C VAL B 199 26.64 48.77 -8.93
N PRO B 200 27.92 48.39 -8.84
CA PRO B 200 28.92 49.39 -8.48
C PRO B 200 28.95 50.45 -9.56
N SER B 201 28.81 51.71 -9.15
CA SER B 201 28.77 52.82 -10.10
C SER B 201 30.06 53.02 -10.88
N SER B 202 31.18 52.56 -10.34
CA SER B 202 32.45 52.69 -11.03
C SER B 202 32.53 51.74 -12.21
N SER B 203 31.40 51.11 -12.55
CA SER B 203 31.33 50.16 -13.66
C SER B 203 30.29 50.53 -14.71
N LEU B 204 29.73 51.74 -14.61
CA LEU B 204 28.72 52.18 -15.57
C LEU B 204 29.29 52.33 -16.98
N GLY B 205 30.54 52.76 -17.06
CA GLY B 205 31.17 52.97 -18.36
C GLY B 205 31.87 51.76 -18.97
N THR B 206 32.00 50.68 -18.20
CA THR B 206 32.67 49.50 -18.71
C THR B 206 31.75 48.30 -18.85
N GLN B 207 30.80 48.17 -17.93
CA GLN B 207 29.86 47.05 -17.95
C GLN B 207 28.52 47.41 -18.62
N THR B 208 28.11 46.60 -19.59
CA THR B 208 26.85 46.83 -20.29
C THR B 208 25.69 46.14 -19.58
N TYR B 209 24.60 46.86 -19.41
CA TYR B 209 23.42 46.33 -18.75
C TYR B 209 22.23 46.30 -19.71
N ILE B 210 21.57 45.15 -19.77
CA ILE B 210 20.44 44.96 -20.65
C ILE B 210 19.36 44.13 -19.99
N CYS B 211 18.12 44.61 -20.02
CA CYS B 211 17.02 43.88 -19.43
C CYS B 211 16.33 43.07 -20.53
N ASN B 212 15.97 41.82 -20.21
CA ASN B 212 15.31 40.95 -21.18
C ASN B 212 13.85 40.78 -20.78
N VAL B 213 12.98 41.53 -21.46
CA VAL B 213 11.55 41.51 -21.18
C VAL B 213 10.75 40.60 -22.07
N ASN B 214 9.81 39.87 -21.47
CA ASN B 214 8.98 38.96 -22.23
C ASN B 214 7.54 38.93 -21.73
N HIS B 215 6.62 39.25 -22.64
CA HIS B 215 5.19 39.24 -22.34
C HIS B 215 4.65 38.19 -23.32
N LYS B 216 4.84 36.92 -22.98
CA LYS B 216 4.38 35.86 -23.86
C LYS B 216 2.94 36.02 -24.35
N PRO B 217 2.02 36.44 -23.47
CA PRO B 217 0.63 36.61 -23.91
C PRO B 217 0.45 37.44 -25.20
N SER B 218 1.41 38.29 -25.54
CA SER B 218 1.28 39.10 -26.76
C SER B 218 2.45 38.85 -27.70
N ASN B 219 3.20 37.80 -27.45
CA ASN B 219 4.35 37.49 -28.29
C ASN B 219 5.33 38.64 -28.32
N THR B 220 5.41 39.41 -27.24
CA THR B 220 6.35 40.51 -27.21
C THR B 220 7.58 40.15 -26.38
N LYS B 221 8.73 40.18 -27.03
CA LYS B 221 9.98 39.86 -26.37
C LYS B 221 10.96 40.94 -26.77
N VAL B 222 11.31 41.77 -25.79
CA VAL B 222 12.21 42.88 -26.01
C VAL B 222 13.46 42.86 -25.12
N ASP B 223 14.53 43.44 -25.66
CA ASP B 223 15.83 43.55 -24.99
C ASP B 223 16.16 45.03 -24.96
N LYS B 224 16.25 45.60 -23.77
CA LYS B 224 16.56 47.01 -23.66
C LYS B 224 17.90 47.23 -22.99
N LYS B 225 18.83 47.84 -23.73
CA LYS B 225 20.16 48.14 -23.24
C LYS B 225 20.07 49.48 -22.53
N VAL B 226 20.36 49.49 -21.23
CA VAL B 226 20.30 50.72 -20.45
C VAL B 226 21.68 51.39 -20.38
N GLU B 227 21.71 52.69 -20.64
CA GLU B 227 22.95 53.46 -20.63
C GLU B 227 22.79 54.68 -19.71
N PRO B 228 23.88 55.09 -19.04
CA PRO B 228 23.85 56.25 -18.14
C PRO B 228 23.83 57.60 -18.85
N ASP C 1 7.54 -19.12 -13.91
CA ASP C 1 7.30 -20.23 -12.95
C ASP C 1 8.42 -20.30 -11.91
N ILE C 2 8.20 -19.67 -10.75
CA ILE C 2 9.19 -19.69 -9.69
C ILE C 2 9.01 -20.95 -8.87
N VAL C 3 10.03 -21.80 -8.85
CA VAL C 3 9.96 -23.05 -8.09
C VAL C 3 10.50 -22.93 -6.67
N MET C 4 9.67 -23.27 -5.70
CA MET C 4 10.08 -23.23 -4.31
C MET C 4 10.45 -24.64 -3.86
N THR C 5 11.72 -24.82 -3.49
CA THR C 5 12.19 -26.13 -3.06
C THR C 5 12.53 -26.14 -1.58
N GLN C 6 11.81 -26.98 -0.84
CA GLN C 6 12.02 -27.10 0.59
C GLN C 6 12.84 -28.33 0.94
N SER C 7 13.73 -28.16 1.92
CA SER C 7 14.58 -29.24 2.40
C SER C 7 14.70 -29.16 3.92
N PRO C 8 14.78 -30.32 4.59
CA PRO C 8 14.75 -31.63 3.93
C PRO C 8 13.29 -31.90 3.60
N ALA C 9 13.01 -33.01 2.96
CA ALA C 9 11.62 -33.33 2.65
C ALA C 9 10.95 -33.69 3.97
N THR C 10 11.71 -34.38 4.82
CA THR C 10 11.20 -34.81 6.11
C THR C 10 12.24 -34.54 7.21
N LEU C 11 11.79 -34.06 8.36
CA LEU C 11 12.70 -33.73 9.47
C LEU C 11 12.29 -34.37 10.81
N SER C 12 13.30 -34.78 11.57
CA SER C 12 13.09 -35.40 12.87
C SER C 12 13.98 -34.74 13.92
N VAL C 13 13.36 -34.16 14.96
CA VAL C 13 14.09 -33.46 16.01
C VAL C 13 13.60 -33.78 17.40
N SER C 14 14.54 -34.00 18.31
CA SER C 14 14.20 -34.31 19.68
C SER C 14 13.39 -33.16 20.24
N PRO C 15 12.42 -33.46 21.12
CA PRO C 15 11.61 -32.37 21.68
C PRO C 15 12.49 -31.40 22.48
N GLY C 16 12.12 -30.13 22.44
CA GLY C 16 12.88 -29.13 23.16
C GLY C 16 14.07 -28.62 22.36
N GLU C 17 14.52 -29.39 21.39
CA GLU C 17 15.64 -29.03 20.55
C GLU C 17 15.24 -28.07 19.42
N ARG C 18 16.23 -27.66 18.63
CA ARG C 18 16.01 -26.73 17.54
C ARG C 18 15.83 -27.37 16.16
N ALA C 19 14.78 -26.93 15.45
CA ALA C 19 14.49 -27.42 14.10
C ALA C 19 14.74 -26.32 13.07
N THR C 20 15.50 -26.65 12.02
CA THR C 20 15.81 -25.68 10.97
C THR C 20 15.27 -26.13 9.62
N LEU C 21 14.23 -25.42 9.16
CA LEU C 21 13.58 -25.71 7.89
C LEU C 21 14.12 -24.80 6.79
N SER C 22 14.38 -25.38 5.62
CA SER C 22 14.91 -24.62 4.49
C SER C 22 13.91 -24.47 3.33
N CYS C 23 14.03 -23.37 2.60
CA CYS C 23 13.16 -23.08 1.47
C CYS C 23 13.92 -22.25 0.47
N ARG C 24 14.12 -22.80 -0.73
CA ARG C 24 14.86 -22.10 -1.79
C ARG C 24 13.95 -21.72 -2.94
N ALA C 25 14.23 -20.58 -3.54
CA ALA C 25 13.45 -20.13 -4.68
C ALA C 25 14.31 -20.26 -5.93
N SER C 26 13.67 -20.46 -7.07
CA SER C 26 14.38 -20.61 -8.34
C SER C 26 14.85 -19.26 -8.85
N GLU C 27 14.59 -18.22 -8.06
CA GLU C 27 14.99 -16.85 -8.37
C GLU C 27 14.54 -16.01 -7.19
N SER C 28 15.06 -14.79 -7.08
CA SER C 28 14.70 -13.95 -5.95
C SER C 28 13.22 -13.58 -5.86
N VAL C 29 12.71 -13.62 -4.63
CA VAL C 29 11.33 -13.27 -4.35
C VAL C 29 11.38 -12.21 -3.25
N SER C 30 12.55 -11.57 -3.13
CA SER C 30 12.80 -10.53 -2.14
C SER C 30 12.47 -11.00 -0.75
N SER C 31 11.47 -10.35 -0.15
CA SER C 31 11.02 -10.68 1.19
C SER C 31 9.60 -11.19 1.13
N ASP C 32 9.09 -11.42 -0.07
CA ASP C 32 7.72 -11.89 -0.22
C ASP C 32 7.63 -13.39 -0.02
N LEU C 33 8.05 -13.85 1.15
CA LEU C 33 8.03 -15.28 1.44
C LEU C 33 7.20 -15.48 2.70
N ALA C 34 6.31 -16.46 2.67
CA ALA C 34 5.49 -16.75 3.83
C ALA C 34 5.65 -18.21 4.23
N TRP C 35 5.48 -18.49 5.53
CA TRP C 35 5.56 -19.85 6.03
C TRP C 35 4.23 -20.24 6.65
N TYR C 36 3.80 -21.47 6.40
CA TYR C 36 2.54 -21.96 6.95
C TYR C 36 2.77 -23.25 7.69
N GLN C 37 1.89 -23.52 8.66
CA GLN C 37 1.95 -24.73 9.45
C GLN C 37 0.66 -25.50 9.19
N GLN C 38 0.77 -26.73 8.68
CA GLN C 38 -0.44 -27.52 8.44
C GLN C 38 -0.42 -28.81 9.24
N LYS C 39 -1.25 -28.83 10.29
CA LYS C 39 -1.39 -29.98 11.16
C LYS C 39 -2.40 -30.93 10.52
N PRO C 40 -2.23 -32.24 10.72
CA PRO C 40 -3.17 -33.20 10.12
C PRO C 40 -4.66 -32.91 10.36
N GLY C 41 -5.41 -32.94 9.28
CA GLY C 41 -6.85 -32.69 9.36
C GLY C 41 -7.26 -31.23 9.34
N GLN C 42 -6.32 -30.32 9.55
CA GLN C 42 -6.66 -28.90 9.60
C GLN C 42 -6.19 -28.11 8.38
N ALA C 43 -6.63 -26.86 8.32
CA ALA C 43 -6.25 -25.98 7.23
C ALA C 43 -4.90 -25.37 7.60
N PRO C 44 -4.13 -24.95 6.58
CA PRO C 44 -2.82 -24.36 6.89
C PRO C 44 -3.00 -23.17 7.83
N ARG C 45 -1.93 -22.87 8.58
CA ARG C 45 -1.91 -21.77 9.52
C ARG C 45 -0.72 -20.89 9.17
N LEU C 46 -0.97 -19.60 8.98
CA LEU C 46 0.07 -18.63 8.66
C LEU C 46 1.00 -18.48 9.85
N LEU C 47 2.30 -18.70 9.63
CA LEU C 47 3.29 -18.55 10.71
C LEU C 47 4.09 -17.26 10.49
N ILE C 48 4.72 -17.17 9.32
CA ILE C 48 5.54 -16.02 8.96
C ILE C 48 5.15 -15.46 7.60
N TYR C 49 5.26 -14.14 7.46
CA TYR C 49 4.99 -13.46 6.20
C TYR C 49 6.04 -12.37 6.12
N GLY C 50 6.39 -11.94 4.92
CA GLY C 50 7.42 -10.93 4.80
C GLY C 50 8.77 -11.53 5.10
N ALA C 51 8.82 -12.86 5.11
CA ALA C 51 10.02 -13.65 5.37
C ALA C 51 10.44 -13.74 6.84
N SER C 52 10.21 -12.68 7.61
CA SER C 52 10.63 -12.72 9.01
C SER C 52 9.68 -12.16 10.06
N THR C 53 8.49 -11.73 9.67
CA THR C 53 7.58 -11.21 10.68
C THR C 53 6.54 -12.27 11.07
N ARG C 54 6.40 -12.48 12.37
CA ARG C 54 5.46 -13.47 12.89
C ARG C 54 4.03 -12.98 12.86
N ALA C 55 3.12 -13.91 12.62
CA ALA C 55 1.71 -13.57 12.59
C ALA C 55 1.15 -13.61 14.00
N THR C 56 0.00 -12.97 14.19
CA THR C 56 -0.67 -12.93 15.48
C THR C 56 -0.94 -14.33 15.99
N GLY C 57 -0.55 -14.59 17.24
CA GLY C 57 -0.78 -15.90 17.83
C GLY C 57 0.31 -16.91 17.60
N VAL C 58 1.35 -16.51 16.87
CA VAL C 58 2.47 -17.40 16.59
C VAL C 58 3.55 -17.23 17.66
N PRO C 59 3.78 -18.29 18.46
CA PRO C 59 4.76 -18.35 19.54
C PRO C 59 6.10 -17.79 19.13
N ALA C 60 6.86 -17.32 20.12
CA ALA C 60 8.16 -16.73 19.85
C ALA C 60 9.23 -17.76 19.47
N ARG C 61 8.99 -19.04 19.74
CA ARG C 61 9.99 -20.05 19.37
C ARG C 61 10.09 -20.19 17.85
N PHE C 62 9.09 -19.63 17.15
CA PHE C 62 9.04 -19.66 15.69
C PHE C 62 9.76 -18.43 15.14
N SER C 63 10.75 -18.66 14.30
CA SER C 63 11.51 -17.57 13.73
C SER C 63 11.86 -17.75 12.25
N GLY C 64 11.52 -16.74 11.45
CA GLY C 64 11.81 -16.80 10.02
C GLY C 64 12.90 -15.81 9.63
N SER C 65 13.72 -16.20 8.66
CA SER C 65 14.79 -15.33 8.22
C SER C 65 15.22 -15.65 6.79
N GLY C 66 16.10 -14.81 6.25
CA GLY C 66 16.57 -15.02 4.89
C GLY C 66 15.97 -13.98 3.98
N SER C 67 16.38 -13.99 2.72
CA SER C 67 15.86 -13.03 1.76
C SER C 67 16.21 -13.49 0.35
N GLY C 68 15.57 -12.88 -0.65
CA GLY C 68 15.87 -13.25 -2.02
C GLY C 68 15.54 -14.67 -2.43
N ALA C 69 16.50 -15.58 -2.30
CA ALA C 69 16.26 -16.95 -2.71
C ALA C 69 16.55 -18.02 -1.65
N GLU C 70 17.02 -17.60 -0.49
CA GLU C 70 17.31 -18.55 0.57
C GLU C 70 16.59 -18.13 1.85
N PHE C 71 15.68 -18.98 2.32
CA PHE C 71 14.94 -18.68 3.53
C PHE C 71 15.01 -19.80 4.53
N THR C 72 14.67 -19.48 5.77
CA THR C 72 14.71 -20.45 6.85
C THR C 72 13.63 -20.26 7.91
N LEU C 73 13.06 -21.37 8.36
CA LEU C 73 12.05 -21.35 9.40
C LEU C 73 12.74 -22.05 10.58
N THR C 74 12.86 -21.38 11.72
CA THR C 74 13.53 -21.98 12.86
C THR C 74 12.65 -22.06 14.11
N ILE C 75 12.61 -23.25 14.71
CA ILE C 75 11.85 -23.47 15.94
C ILE C 75 12.90 -23.77 17.01
N SER C 76 13.04 -22.85 17.96
CA SER C 76 14.04 -22.97 19.02
C SER C 76 13.87 -24.17 19.94
N SER C 77 12.64 -24.42 20.38
CA SER C 77 12.38 -25.56 21.26
C SER C 77 11.22 -26.35 20.69
N LEU C 78 11.51 -27.31 19.82
CA LEU C 78 10.46 -28.08 19.21
C LEU C 78 9.53 -28.68 20.25
N GLN C 79 8.26 -28.32 20.16
CA GLN C 79 7.24 -28.82 21.07
C GLN C 79 6.41 -29.83 20.30
N SER C 80 5.86 -30.82 21.00
CA SER C 80 5.07 -31.82 20.32
C SER C 80 3.89 -31.22 19.56
N GLU C 81 3.29 -30.15 20.08
CA GLU C 81 2.15 -29.57 19.37
C GLU C 81 2.56 -28.94 18.05
N ASP C 82 3.87 -28.89 17.80
CA ASP C 82 4.37 -28.32 16.56
C ASP C 82 4.48 -29.39 15.46
N PHE C 83 4.02 -30.60 15.77
CA PHE C 83 4.06 -31.69 14.80
C PHE C 83 3.15 -31.31 13.65
N ALA C 84 3.73 -31.14 12.47
CA ALA C 84 2.95 -30.78 11.29
C ALA C 84 3.83 -30.72 10.06
N VAL C 85 3.24 -30.32 8.95
CA VAL C 85 4.00 -30.17 7.72
C VAL C 85 4.07 -28.66 7.57
N TYR C 86 5.23 -28.16 7.16
CA TYR C 86 5.44 -26.73 7.01
C TYR C 86 5.70 -26.41 5.56
N TYR C 87 5.01 -25.38 5.07
CA TYR C 87 5.15 -24.97 3.68
C TYR C 87 5.59 -23.52 3.59
N CYS C 88 6.34 -23.22 2.54
CA CYS C 88 6.72 -21.84 2.31
C CYS C 88 5.99 -21.45 1.05
N GLN C 89 5.75 -20.17 0.86
CA GLN C 89 5.05 -19.68 -0.32
C GLN C 89 5.60 -18.32 -0.70
N GLN C 90 5.91 -18.15 -1.98
CA GLN C 90 6.42 -16.88 -2.46
C GLN C 90 5.26 -16.12 -3.11
N TYR C 91 5.25 -14.80 -2.94
CA TYR C 91 4.20 -13.98 -3.53
C TYR C 91 4.81 -12.68 -4.07
N ASN C 92 5.90 -12.82 -4.82
CA ASN C 92 6.60 -11.68 -5.38
C ASN C 92 6.37 -11.33 -6.85
N ASN C 93 5.95 -12.30 -7.67
CA ASN C 93 5.74 -11.97 -9.07
C ASN C 93 4.39 -11.34 -9.38
N TRP C 94 4.35 -10.61 -10.49
CA TRP C 94 3.14 -9.95 -10.98
C TRP C 94 3.11 -10.07 -12.51
N PRO C 95 1.95 -10.41 -13.09
CA PRO C 95 0.71 -10.66 -12.35
C PRO C 95 0.87 -11.79 -11.33
N PRO C 96 -0.03 -11.83 -10.33
CA PRO C 96 0.03 -12.85 -9.28
C PRO C 96 -0.05 -14.32 -9.74
N ARG C 97 1.06 -15.02 -9.61
CA ARG C 97 1.15 -16.44 -9.96
C ARG C 97 1.95 -17.02 -8.81
N TYR C 98 1.37 -16.97 -7.63
CA TYR C 98 2.05 -17.45 -6.44
C TYR C 98 2.21 -18.95 -6.40
N THR C 99 3.29 -19.40 -5.75
CA THR C 99 3.59 -20.83 -5.66
C THR C 99 4.05 -21.26 -4.28
N PHE C 100 3.83 -22.54 -3.98
CA PHE C 100 4.19 -23.14 -2.70
C PHE C 100 5.33 -24.11 -2.87
N GLY C 101 6.00 -24.41 -1.75
CA GLY C 101 7.06 -25.39 -1.77
C GLY C 101 6.34 -26.71 -1.49
N GLN C 102 7.02 -27.84 -1.69
CA GLN C 102 6.42 -29.14 -1.47
C GLN C 102 6.21 -29.46 0.01
N GLY C 103 6.67 -28.56 0.87
CA GLY C 103 6.49 -28.76 2.29
C GLY C 103 7.48 -29.70 2.93
N THR C 104 7.70 -29.53 4.22
CA THR C 104 8.63 -30.35 4.99
C THR C 104 7.89 -30.92 6.20
N ARG C 105 7.88 -32.24 6.33
CA ARG C 105 7.21 -32.89 7.45
C ARG C 105 8.14 -32.88 8.66
N LEU C 106 7.72 -32.22 9.73
CA LEU C 106 8.52 -32.16 10.94
C LEU C 106 7.99 -33.10 12.02
N GLU C 107 8.75 -34.15 12.29
CA GLU C 107 8.40 -35.14 13.28
C GLU C 107 9.17 -34.92 14.59
N ILE C 108 8.61 -35.43 15.69
CA ILE C 108 9.24 -35.32 17.00
C ILE C 108 10.06 -36.59 17.22
N LYS C 109 11.33 -36.43 17.58
CA LYS C 109 12.16 -37.60 17.82
C LYS C 109 12.13 -37.99 19.30
N ARG C 110 11.65 -39.20 19.57
CA ARG C 110 11.59 -39.68 20.94
C ARG C 110 12.43 -40.94 20.98
N THR C 111 12.46 -41.61 22.13
CA THR C 111 13.24 -42.85 22.25
C THR C 111 12.53 -43.97 21.50
N VAL C 112 13.28 -45.00 21.11
CA VAL C 112 12.69 -46.13 20.43
C VAL C 112 11.68 -46.76 21.37
N ALA C 113 10.53 -47.12 20.81
CA ALA C 113 9.46 -47.73 21.59
C ALA C 113 8.94 -48.93 20.81
N ALA C 114 8.89 -50.09 21.46
CA ALA C 114 8.42 -51.30 20.78
C ALA C 114 6.90 -51.26 20.71
N PRO C 115 6.32 -51.82 19.63
CA PRO C 115 4.88 -51.85 19.44
C PRO C 115 4.22 -53.03 20.15
N SER C 116 2.97 -52.85 20.55
CA SER C 116 2.20 -53.91 21.21
C SER C 116 1.35 -54.44 20.07
N VAL C 117 1.44 -55.73 19.79
CA VAL C 117 0.72 -56.32 18.68
C VAL C 117 -0.57 -57.00 19.06
N PHE C 118 -1.59 -56.84 18.21
CA PHE C 118 -2.89 -57.46 18.43
C PHE C 118 -3.45 -57.94 17.09
N ILE C 119 -3.95 -59.16 17.07
CA ILE C 119 -4.52 -59.70 15.84
C ILE C 119 -6.02 -59.90 16.08
N PHE C 120 -6.82 -59.58 15.06
CA PHE C 120 -8.27 -59.69 15.16
C PHE C 120 -8.86 -60.57 14.06
N PRO C 121 -9.47 -61.69 14.43
CA PRO C 121 -10.07 -62.60 13.44
C PRO C 121 -11.26 -61.89 12.80
N PRO C 122 -11.80 -62.43 11.69
CA PRO C 122 -12.95 -61.77 11.07
C PRO C 122 -14.15 -61.93 11.98
N SER C 123 -15.14 -61.07 11.83
CA SER C 123 -16.32 -61.16 12.66
C SER C 123 -17.29 -62.15 12.02
N ASP C 124 -18.12 -62.81 12.83
CA ASP C 124 -19.09 -63.74 12.29
C ASP C 124 -20.01 -62.98 11.33
N GLU C 125 -20.30 -61.73 11.67
CA GLU C 125 -21.17 -60.91 10.82
C GLU C 125 -20.57 -60.65 9.45
N GLN C 126 -19.27 -60.41 9.38
CA GLN C 126 -18.66 -60.18 8.07
C GLN C 126 -18.63 -61.47 7.28
N LEU C 127 -18.39 -62.59 7.93
CA LEU C 127 -18.36 -63.89 7.24
C LEU C 127 -19.68 -64.20 6.54
N LYS C 128 -20.80 -63.90 7.19
CA LYS C 128 -22.11 -64.13 6.60
C LYS C 128 -22.21 -63.37 5.28
N SER C 129 -21.47 -62.27 5.20
CA SER C 129 -21.45 -61.41 4.02
C SER C 129 -20.66 -61.97 2.84
N GLY C 130 -19.82 -62.98 3.09
CA GLY C 130 -19.04 -63.57 2.02
C GLY C 130 -17.58 -63.16 1.92
N THR C 131 -17.10 -62.36 2.89
CA THR C 131 -15.72 -61.90 2.89
C THR C 131 -15.12 -61.96 4.29
N ALA C 132 -13.80 -61.99 4.36
CA ALA C 132 -13.12 -62.06 5.64
C ALA C 132 -11.97 -61.06 5.71
N SER C 133 -12.04 -60.18 6.71
CA SER C 133 -11.02 -59.18 6.93
C SER C 133 -10.31 -59.49 8.25
N VAL C 134 -9.00 -59.73 8.18
CA VAL C 134 -8.21 -59.99 9.38
C VAL C 134 -7.39 -58.74 9.68
N VAL C 135 -7.47 -58.24 10.91
CA VAL C 135 -6.74 -57.04 11.27
C VAL C 135 -5.62 -57.27 12.26
N CYS C 136 -4.53 -56.54 12.07
CA CYS C 136 -3.38 -56.62 12.96
C CYS C 136 -3.05 -55.20 13.42
N LEU C 137 -2.96 -55.03 14.73
CA LEU C 137 -2.67 -53.72 15.31
C LEU C 137 -1.26 -53.70 15.86
N LEU C 138 -0.52 -52.65 15.54
CA LEU C 138 0.81 -52.43 16.07
C LEU C 138 0.51 -51.13 16.78
N ASN C 139 0.61 -51.13 18.11
CA ASN C 139 0.24 -49.96 18.86
C ASN C 139 1.33 -49.22 19.62
N ASN C 140 1.27 -47.89 19.53
CA ASN C 140 2.21 -47.01 20.21
C ASN C 140 3.68 -47.39 20.09
N PHE C 141 4.26 -47.17 18.91
CA PHE C 141 5.65 -47.50 18.70
C PHE C 141 6.40 -46.34 18.07
N TYR C 142 7.72 -46.49 18.01
CA TYR C 142 8.59 -45.49 17.42
C TYR C 142 9.98 -46.10 17.21
N PRO C 143 10.63 -45.79 16.08
CA PRO C 143 10.16 -44.92 15.01
C PRO C 143 9.00 -45.51 14.19
N ARG C 144 8.51 -44.73 13.23
CA ARG C 144 7.40 -45.08 12.36
C ARG C 144 7.67 -46.29 11.47
N GLU C 145 8.93 -46.59 11.23
CA GLU C 145 9.26 -47.72 10.37
C GLU C 145 8.94 -49.07 11.02
N ALA C 146 8.01 -49.78 10.41
CA ALA C 146 7.62 -51.10 10.90
C ALA C 146 7.32 -52.01 9.71
N LYS C 147 7.30 -53.30 9.94
CA LYS C 147 7.02 -54.23 8.87
C LYS C 147 6.04 -55.29 9.36
N VAL C 148 4.89 -55.35 8.71
CA VAL C 148 3.89 -56.35 9.05
C VAL C 148 3.98 -57.42 7.97
N GLN C 149 4.04 -58.67 8.39
CA GLN C 149 4.11 -59.77 7.43
C GLN C 149 3.00 -60.77 7.73
N TRP C 150 2.06 -60.92 6.81
CA TRP C 150 0.96 -61.86 7.01
C TRP C 150 1.32 -63.23 6.51
N LYS C 151 0.92 -64.25 7.26
CA LYS C 151 1.16 -65.63 6.90
C LYS C 151 -0.13 -66.42 7.08
N VAL C 152 -0.47 -67.20 6.07
CA VAL C 152 -1.65 -68.05 6.10
C VAL C 152 -1.13 -69.44 5.77
N ASP C 153 -1.17 -70.36 6.73
CA ASP C 153 -0.67 -71.72 6.53
C ASP C 153 0.73 -71.75 5.93
N ASN C 154 1.70 -71.09 6.55
CA ASN C 154 3.06 -71.11 6.02
C ASN C 154 3.30 -70.31 4.74
N ALA C 155 2.22 -69.81 4.12
CA ALA C 155 2.37 -69.03 2.91
C ALA C 155 2.38 -67.53 3.18
N LEU C 156 3.52 -66.91 2.89
CA LEU C 156 3.74 -65.47 3.05
C LEU C 156 2.77 -64.73 2.14
N GLN C 157 2.01 -63.78 2.68
CA GLN C 157 1.04 -63.04 1.87
C GLN C 157 1.59 -61.69 1.38
N SER C 158 1.17 -61.27 0.20
CA SER C 158 1.56 -59.98 -0.33
C SER C 158 0.57 -59.56 -1.42
N GLY C 159 0.31 -58.26 -1.48
CA GLY C 159 -0.62 -57.74 -2.46
C GLY C 159 -2.06 -57.71 -1.96
N ASN C 160 -2.41 -58.59 -1.02
CA ASN C 160 -3.78 -58.67 -0.52
C ASN C 160 -4.03 -58.03 0.83
N SER C 161 -3.23 -57.02 1.18
CA SER C 161 -3.41 -56.33 2.45
C SER C 161 -3.21 -54.84 2.26
N GLN C 162 -3.69 -54.07 3.23
CA GLN C 162 -3.52 -52.63 3.18
C GLN C 162 -3.32 -52.14 4.58
N GLU C 163 -2.49 -51.11 4.73
CA GLU C 163 -2.23 -50.56 6.05
C GLU C 163 -2.25 -49.05 6.02
N SER C 164 -2.36 -48.45 7.19
CA SER C 164 -2.35 -47.00 7.32
C SER C 164 -1.80 -46.74 8.71
N VAL C 165 -1.12 -45.62 8.85
CA VAL C 165 -0.48 -45.27 10.10
C VAL C 165 -1.05 -43.96 10.61
N THR C 166 -1.31 -43.90 11.91
CA THR C 166 -1.85 -42.70 12.53
C THR C 166 -0.77 -41.64 12.62
N GLU C 167 -1.17 -40.40 12.81
CA GLU C 167 -0.20 -39.32 12.95
C GLU C 167 0.42 -39.45 14.34
N GLN C 168 1.60 -38.86 14.52
CA GLN C 168 2.28 -38.96 15.81
C GLN C 168 1.42 -38.51 16.99
N ASP C 169 1.22 -39.40 17.95
CA ASP C 169 0.41 -39.11 19.13
C ASP C 169 1.02 -37.99 19.94
N SER C 170 0.22 -36.98 20.25
CA SER C 170 0.70 -35.83 21.02
C SER C 170 1.03 -36.15 22.47
N LYS C 171 0.43 -37.19 23.02
CA LYS C 171 0.71 -37.55 24.41
C LYS C 171 2.08 -38.21 24.59
N ASP C 172 2.38 -39.21 23.75
CA ASP C 172 3.66 -39.92 23.88
C ASP C 172 4.54 -39.95 22.64
N SER C 173 4.19 -39.17 21.62
CA SER C 173 4.99 -39.10 20.39
C SER C 173 5.16 -40.42 19.64
N THR C 174 4.24 -41.36 19.82
CA THR C 174 4.32 -42.64 19.14
C THR C 174 3.37 -42.72 17.96
N TYR C 175 3.50 -43.81 17.21
CA TYR C 175 2.65 -44.06 16.06
C TYR C 175 1.94 -45.38 16.28
N SER C 176 0.88 -45.60 15.50
CA SER C 176 0.14 -46.84 15.57
C SER C 176 -0.15 -47.21 14.12
N LEU C 177 -0.15 -48.50 13.83
CA LEU C 177 -0.39 -48.96 12.48
C LEU C 177 -1.40 -50.08 12.49
N SER C 178 -2.29 -50.04 11.51
CA SER C 178 -3.30 -51.06 11.37
C SER C 178 -3.15 -51.68 9.99
N SER C 179 -3.11 -53.01 9.95
CA SER C 179 -2.97 -53.70 8.67
C SER C 179 -4.15 -54.65 8.52
N THR C 180 -4.80 -54.60 7.36
CA THR C 180 -5.95 -55.46 7.09
C THR C 180 -5.69 -56.45 5.95
N LEU C 181 -5.88 -57.74 6.22
CA LEU C 181 -5.71 -58.78 5.20
C LEU C 181 -7.12 -59.17 4.77
N THR C 182 -7.37 -59.18 3.47
CA THR C 182 -8.70 -59.52 2.97
C THR C 182 -8.75 -60.75 2.07
N LEU C 183 -9.64 -61.67 2.42
CA LEU C 183 -9.81 -62.89 1.64
C LEU C 183 -11.30 -63.12 1.52
N SER C 184 -11.69 -63.96 0.57
CA SER C 184 -13.10 -64.31 0.38
C SER C 184 -13.40 -65.33 1.45
N LYS C 185 -14.67 -65.48 1.81
CA LYS C 185 -15.05 -66.44 2.83
C LYS C 185 -14.55 -67.84 2.43
N ALA C 186 -14.64 -68.15 1.14
CA ALA C 186 -14.21 -69.44 0.61
C ALA C 186 -12.72 -69.69 0.81
N ASP C 187 -11.88 -68.71 0.44
CA ASP C 187 -10.45 -68.86 0.61
C ASP C 187 -10.14 -68.95 2.11
N TYR C 188 -10.81 -68.10 2.88
CA TYR C 188 -10.63 -68.07 4.32
C TYR C 188 -10.91 -69.41 4.97
N GLU C 189 -12.01 -70.05 4.56
CA GLU C 189 -12.40 -71.32 5.14
C GLU C 189 -11.55 -72.53 4.77
N LYS C 190 -10.69 -72.39 3.77
CA LYS C 190 -9.81 -73.48 3.39
C LYS C 190 -8.40 -73.27 3.92
N HIS C 191 -8.29 -72.69 5.11
CA HIS C 191 -7.00 -72.44 5.75
C HIS C 191 -7.18 -72.36 7.26
N LYS C 192 -6.17 -72.83 7.99
CA LYS C 192 -6.24 -72.86 9.44
C LYS C 192 -5.52 -71.75 10.19
N VAL C 193 -4.22 -71.61 9.95
CA VAL C 193 -3.43 -70.61 10.67
C VAL C 193 -3.29 -69.24 10.02
N TYR C 194 -3.71 -68.22 10.77
CA TYR C 194 -3.65 -66.81 10.37
C TYR C 194 -2.72 -66.10 11.33
N ALA C 195 -1.60 -65.62 10.82
CA ALA C 195 -0.63 -64.97 11.67
C ALA C 195 -0.12 -63.66 11.14
N CYS C 196 0.16 -62.76 12.08
CA CYS C 196 0.68 -61.45 11.79
C CYS C 196 2.03 -61.34 12.47
N GLU C 197 3.09 -61.24 11.67
CA GLU C 197 4.44 -61.14 12.21
C GLU C 197 4.91 -59.70 12.10
N VAL C 198 5.33 -59.13 13.23
CA VAL C 198 5.79 -57.76 13.25
C VAL C 198 7.30 -57.65 13.49
N THR C 199 7.97 -56.88 12.64
CA THR C 199 9.39 -56.65 12.74
C THR C 199 9.54 -55.16 13.03
N HIS C 200 10.29 -54.82 14.06
CA HIS C 200 10.47 -53.42 14.42
C HIS C 200 11.74 -53.24 15.23
N GLN C 201 12.42 -52.12 15.02
CA GLN C 201 13.64 -51.83 15.73
C GLN C 201 13.50 -52.04 17.23
N GLY C 202 12.34 -51.69 17.79
CA GLY C 202 12.13 -51.84 19.21
C GLY C 202 12.01 -53.27 19.74
N LEU C 203 11.93 -54.24 18.85
CA LEU C 203 11.82 -55.64 19.23
C LEU C 203 13.14 -56.36 18.99
N SER C 204 13.56 -57.19 19.93
CA SER C 204 14.83 -57.91 19.79
C SER C 204 14.76 -58.91 18.64
N SER C 205 13.54 -59.38 18.36
CA SER C 205 13.27 -60.29 17.26
C SER C 205 11.77 -60.19 16.95
N PRO C 206 11.37 -60.54 15.72
CA PRO C 206 9.95 -60.46 15.33
C PRO C 206 8.93 -61.03 16.29
N VAL C 207 7.82 -60.31 16.44
CA VAL C 207 6.72 -60.73 17.32
C VAL C 207 5.58 -61.23 16.45
N THR C 208 5.15 -62.47 16.65
CA THR C 208 4.06 -63.00 15.88
C THR C 208 2.81 -63.21 16.73
N LYS C 209 1.67 -62.77 16.19
CA LYS C 209 0.37 -62.93 16.85
C LYS C 209 -0.47 -63.69 15.82
N SER C 210 -1.05 -64.81 16.25
CA SER C 210 -1.85 -65.61 15.33
C SER C 210 -3.03 -66.24 16.01
N PHE C 211 -3.86 -66.94 15.23
CA PHE C 211 -5.03 -67.64 15.74
C PHE C 211 -5.45 -68.65 14.69
N ASN C 212 -6.10 -69.74 15.11
CA ASN C 212 -6.55 -70.74 14.16
C ASN C 212 -8.04 -70.60 13.94
N ARG C 213 -8.46 -70.61 12.68
CA ARG C 213 -9.88 -70.49 12.38
C ARG C 213 -10.60 -71.56 13.18
N GLY C 214 -11.50 -71.12 14.05
CA GLY C 214 -12.22 -72.05 14.89
C GLY C 214 -11.73 -71.90 16.32
N GLU D 1 -11.13 -9.36 12.33
CA GLU D 1 -10.74 -10.73 11.88
C GLU D 1 -11.97 -11.52 11.44
N VAL D 2 -12.06 -11.79 10.14
CA VAL D 2 -13.19 -12.52 9.59
C VAL D 2 -13.09 -14.04 9.74
N GLN D 3 -14.21 -14.70 9.49
CA GLN D 3 -14.29 -16.14 9.55
C GLN D 3 -14.78 -16.61 8.19
N LEU D 4 -14.10 -17.62 7.64
CA LEU D 4 -14.48 -18.15 6.33
C LEU D 4 -15.20 -19.49 6.47
N VAL D 5 -16.38 -19.60 5.86
CA VAL D 5 -17.14 -20.84 5.91
C VAL D 5 -17.36 -21.36 4.50
N GLU D 6 -16.99 -22.60 4.24
CA GLU D 6 -17.13 -23.16 2.91
C GLU D 6 -18.32 -24.10 2.76
N SER D 7 -18.80 -24.23 1.52
CA SER D 7 -19.93 -25.08 1.22
C SER D 7 -19.55 -26.54 1.45
N GLY D 8 -20.54 -27.43 1.35
CA GLY D 8 -20.28 -28.85 1.59
C GLY D 8 -19.58 -29.65 0.51
N ALA D 9 -18.99 -30.77 0.90
CA ALA D 9 -18.29 -31.67 -0.01
C ALA D 9 -19.17 -32.07 -1.19
N GLU D 10 -18.55 -32.51 -2.27
CA GLU D 10 -19.28 -32.91 -3.46
C GLU D 10 -18.62 -34.07 -4.15
N VAL D 11 -19.42 -34.84 -4.87
CA VAL D 11 -18.92 -35.97 -5.65
C VAL D 11 -19.26 -35.61 -7.09
N LYS D 12 -18.25 -35.64 -7.95
CA LYS D 12 -18.43 -35.28 -9.34
C LYS D 12 -17.91 -36.30 -10.35
N LYS D 13 -18.75 -36.63 -11.33
CA LYS D 13 -18.39 -37.59 -12.38
C LYS D 13 -17.33 -36.94 -13.25
N PRO D 14 -16.34 -37.70 -13.72
CA PRO D 14 -15.31 -37.12 -14.58
C PRO D 14 -15.95 -36.38 -15.75
N GLY D 15 -15.46 -35.19 -16.04
CA GLY D 15 -16.01 -34.42 -17.14
C GLY D 15 -17.00 -33.34 -16.74
N SER D 16 -17.56 -33.45 -15.54
CA SER D 16 -18.53 -32.46 -15.07
C SER D 16 -17.88 -31.20 -14.50
N SER D 17 -18.70 -30.28 -14.01
CA SER D 17 -18.23 -29.02 -13.42
C SER D 17 -18.71 -28.87 -11.98
N VAL D 18 -17.93 -28.17 -11.17
CA VAL D 18 -18.31 -27.95 -9.78
C VAL D 18 -18.10 -26.49 -9.40
N LYS D 19 -18.95 -25.99 -8.50
CA LYS D 19 -18.83 -24.62 -8.06
C LYS D 19 -18.92 -24.57 -6.54
N VAL D 20 -17.76 -24.45 -5.89
CA VAL D 20 -17.68 -24.38 -4.45
C VAL D 20 -17.73 -22.92 -4.00
N SER D 21 -18.44 -22.67 -2.91
CA SER D 21 -18.59 -21.31 -2.41
C SER D 21 -17.89 -21.10 -1.06
N CYS D 22 -17.63 -19.84 -0.75
CA CYS D 22 -16.95 -19.48 0.49
C CYS D 22 -17.52 -18.19 1.07
N LYS D 23 -18.20 -18.32 2.21
CA LYS D 23 -18.82 -17.18 2.89
C LYS D 23 -17.87 -16.51 3.89
N ALA D 24 -17.68 -15.20 3.72
CA ALA D 24 -16.81 -14.44 4.61
C ALA D 24 -17.66 -13.47 5.41
N SER D 25 -17.42 -13.41 6.71
CA SER D 25 -18.18 -12.53 7.59
C SER D 25 -17.32 -12.08 8.75
N GLY D 26 -17.48 -10.82 9.16
CA GLY D 26 -16.71 -10.30 10.27
C GLY D 26 -15.89 -9.06 9.99
N ASP D 27 -16.03 -8.50 8.79
CA ASP D 27 -15.29 -7.29 8.43
C ASP D 27 -15.78 -6.87 7.04
N THR D 28 -15.29 -5.75 6.53
CA THR D 28 -15.70 -5.27 5.21
C THR D 28 -15.16 -6.16 4.09
N PHE D 29 -16.07 -6.88 3.44
CA PHE D 29 -15.74 -7.80 2.37
C PHE D 29 -14.73 -7.30 1.34
N ILE D 30 -14.99 -6.14 0.74
CA ILE D 30 -14.10 -5.58 -0.28
C ILE D 30 -12.67 -5.22 0.15
N ARG D 31 -12.40 -5.25 1.46
CA ARG D 31 -11.05 -4.93 1.92
C ARG D 31 -10.17 -6.18 1.94
N TYR D 32 -10.74 -7.30 1.51
CA TYR D 32 -10.00 -8.56 1.48
C TYR D 32 -9.87 -9.12 0.08
N SER D 33 -8.76 -9.80 -0.17
CA SER D 33 -8.56 -10.46 -1.45
C SER D 33 -8.72 -11.92 -1.05
N PHE D 34 -9.25 -12.75 -1.95
CA PHE D 34 -9.43 -14.15 -1.61
C PHE D 34 -8.69 -15.10 -2.54
N THR D 35 -8.19 -16.18 -1.95
CA THR D 35 -7.42 -17.14 -2.71
C THR D 35 -7.92 -18.56 -2.53
N TRP D 36 -7.86 -19.33 -3.61
CA TRP D 36 -8.26 -20.73 -3.55
C TRP D 36 -6.99 -21.59 -3.63
N VAL D 37 -6.86 -22.51 -2.68
CA VAL D 37 -5.71 -23.40 -2.63
C VAL D 37 -6.22 -24.82 -2.56
N ARG D 38 -5.66 -25.71 -3.38
CA ARG D 38 -6.13 -27.07 -3.32
C ARG D 38 -5.07 -28.04 -2.87
N GLN D 39 -5.52 -29.16 -2.34
CA GLN D 39 -4.62 -30.17 -1.84
C GLN D 39 -5.13 -31.57 -2.13
N ALA D 40 -4.44 -32.26 -3.03
CA ALA D 40 -4.83 -33.61 -3.38
C ALA D 40 -4.46 -34.49 -2.19
N PRO D 41 -5.25 -35.54 -1.93
CA PRO D 41 -5.01 -36.47 -0.82
C PRO D 41 -3.54 -36.82 -0.65
N GLY D 42 -2.97 -36.43 0.49
CA GLY D 42 -1.56 -36.72 0.77
C GLY D 42 -0.54 -35.86 0.05
N GLN D 43 -0.98 -34.89 -0.73
CA GLN D 43 -0.05 -34.03 -1.47
C GLN D 43 0.07 -32.65 -0.85
N GLY D 44 0.95 -31.84 -1.43
CA GLY D 44 1.19 -30.50 -0.93
C GLY D 44 0.13 -29.50 -1.35
N LEU D 45 0.31 -28.24 -0.93
CA LEU D 45 -0.61 -27.18 -1.27
C LEU D 45 -0.32 -26.73 -2.69
N GLU D 46 -1.35 -26.29 -3.38
CA GLU D 46 -1.22 -25.85 -4.75
C GLU D 46 -1.99 -24.57 -4.92
N TRP D 47 -1.29 -23.49 -5.21
CA TRP D 47 -1.93 -22.19 -5.40
C TRP D 47 -2.74 -22.24 -6.69
N MET D 48 -4.03 -21.93 -6.59
CA MET D 48 -4.91 -21.95 -7.76
C MET D 48 -5.16 -20.59 -8.40
N GLY D 49 -5.52 -19.62 -7.57
CA GLY D 49 -5.80 -18.29 -8.07
C GLY D 49 -6.26 -17.38 -6.95
N ARG D 50 -6.28 -16.08 -7.22
CA ARG D 50 -6.68 -15.08 -6.24
C ARG D 50 -7.53 -14.00 -6.90
N ILE D 51 -8.57 -13.55 -6.20
CA ILE D 51 -9.43 -12.52 -6.74
C ILE D 51 -9.36 -11.23 -5.93
N ILE D 52 -8.94 -10.17 -6.61
CA ILE D 52 -8.86 -8.85 -6.01
C ILE D 52 -10.31 -8.38 -6.01
N THR D 53 -11.04 -8.88 -5.03
CA THR D 53 -12.46 -8.62 -4.85
C THR D 53 -12.96 -7.27 -5.33
N ILE D 54 -12.52 -6.19 -4.69
CA ILE D 54 -12.97 -4.85 -5.04
C ILE D 54 -12.88 -4.48 -6.52
N LEU D 55 -11.85 -4.94 -7.22
CA LEU D 55 -11.72 -4.67 -8.65
C LEU D 55 -12.41 -5.76 -9.46
N ASP D 56 -12.75 -6.84 -8.76
CA ASP D 56 -13.41 -7.99 -9.37
C ASP D 56 -12.51 -8.58 -10.45
N VAL D 57 -11.21 -8.57 -10.19
CA VAL D 57 -10.24 -9.12 -11.14
C VAL D 57 -9.60 -10.35 -10.50
N ALA D 58 -9.25 -11.34 -11.31
CA ALA D 58 -8.63 -12.55 -10.78
C ALA D 58 -7.45 -13.01 -11.61
N HIS D 59 -6.51 -13.69 -10.95
CA HIS D 59 -5.34 -14.23 -11.60
C HIS D 59 -5.25 -15.71 -11.24
N TYR D 60 -4.87 -16.55 -12.20
CA TYR D 60 -4.82 -17.99 -11.96
C TYR D 60 -3.47 -18.65 -12.25
N ALA D 61 -3.25 -19.83 -11.67
CA ALA D 61 -2.02 -20.55 -11.91
C ALA D 61 -2.00 -21.00 -13.37
N PRO D 62 -0.84 -20.91 -14.03
CA PRO D 62 -0.69 -21.29 -15.44
C PRO D 62 -1.31 -22.62 -15.89
N HIS D 63 -1.10 -23.69 -15.14
CA HIS D 63 -1.66 -24.98 -15.54
C HIS D 63 -3.17 -25.07 -15.36
N LEU D 64 -3.71 -24.21 -14.51
CA LEU D 64 -5.15 -24.22 -14.26
C LEU D 64 -5.91 -23.24 -15.15
N GLN D 65 -5.19 -22.34 -15.80
CA GLN D 65 -5.79 -21.33 -16.68
C GLN D 65 -6.69 -22.00 -17.74
N GLY D 66 -7.96 -21.57 -17.75
CA GLY D 66 -8.89 -22.13 -18.71
C GLY D 66 -10.12 -22.78 -18.10
N ARG D 67 -9.91 -23.88 -17.38
CA ARG D 67 -11.02 -24.60 -16.75
C ARG D 67 -11.27 -24.20 -15.31
N VAL D 68 -10.87 -22.99 -14.93
CA VAL D 68 -11.07 -22.52 -13.57
C VAL D 68 -11.48 -21.05 -13.56
N THR D 69 -12.47 -20.71 -12.75
CA THR D 69 -12.94 -19.34 -12.66
C THR D 69 -13.34 -18.99 -11.23
N ILE D 70 -12.79 -17.89 -10.72
CA ILE D 70 -13.07 -17.42 -9.38
C ILE D 70 -13.87 -16.14 -9.48
N THR D 71 -15.02 -16.11 -8.82
CA THR D 71 -15.89 -14.92 -8.81
C THR D 71 -16.26 -14.59 -7.38
N ALA D 72 -16.91 -13.45 -7.18
CA ALA D 72 -17.30 -13.04 -5.86
C ALA D 72 -18.58 -12.21 -5.89
N ASP D 73 -19.39 -12.35 -4.85
CA ASP D 73 -20.63 -11.60 -4.76
C ASP D 73 -20.55 -10.72 -3.52
N LYS D 74 -20.20 -9.46 -3.73
CA LYS D 74 -20.06 -8.50 -2.65
C LYS D 74 -21.27 -8.48 -1.73
N SER D 75 -22.45 -8.41 -2.32
CA SER D 75 -23.67 -8.32 -1.53
C SER D 75 -23.84 -9.37 -0.46
N THR D 76 -23.48 -10.62 -0.78
CA THR D 76 -23.60 -11.70 0.19
C THR D 76 -22.26 -12.10 0.80
N SER D 77 -21.22 -11.33 0.47
CA SER D 77 -19.87 -11.58 0.97
C SER D 77 -19.45 -13.01 0.66
N THR D 78 -19.67 -13.43 -0.58
CA THR D 78 -19.32 -14.79 -0.98
C THR D 78 -18.36 -14.89 -2.15
N VAL D 79 -17.39 -15.81 -2.04
CA VAL D 79 -16.41 -16.04 -3.10
C VAL D 79 -16.70 -17.42 -3.70
N TYR D 80 -16.46 -17.59 -4.99
CA TYR D 80 -16.72 -18.87 -5.66
C TYR D 80 -15.55 -19.39 -6.45
N LEU D 81 -15.53 -20.71 -6.61
CA LEU D 81 -14.50 -21.37 -7.38
C LEU D 81 -15.25 -22.35 -8.29
N GLU D 82 -15.03 -22.26 -9.59
CA GLU D 82 -15.67 -23.17 -10.51
C GLU D 82 -14.59 -23.93 -11.24
N LEU D 83 -14.71 -25.24 -11.28
CA LEU D 83 -13.73 -26.07 -11.96
C LEU D 83 -14.43 -26.87 -13.05
N ARG D 84 -13.98 -26.70 -14.29
CA ARG D 84 -14.60 -27.41 -15.42
C ARG D 84 -13.85 -28.65 -15.86
N ASN D 85 -14.56 -29.51 -16.60
CA ASN D 85 -14.03 -30.76 -17.12
C ASN D 85 -13.16 -31.49 -16.09
N LEU D 86 -13.78 -31.81 -14.97
CA LEU D 86 -13.13 -32.49 -13.85
C LEU D 86 -12.54 -33.83 -14.25
N ARG D 87 -11.45 -34.20 -13.59
CA ARG D 87 -10.80 -35.47 -13.81
C ARG D 87 -10.44 -36.00 -12.43
N SER D 88 -10.18 -37.29 -12.32
CA SER D 88 -9.84 -37.87 -11.03
C SER D 88 -8.69 -37.14 -10.35
N ASP D 89 -7.86 -36.45 -11.14
CA ASP D 89 -6.73 -35.69 -10.60
C ASP D 89 -7.17 -34.47 -9.81
N ASP D 90 -8.38 -33.99 -10.10
CA ASP D 90 -8.91 -32.82 -9.42
C ASP D 90 -9.45 -33.18 -8.05
N THR D 91 -9.44 -34.47 -7.73
CA THR D 91 -9.89 -34.95 -6.44
C THR D 91 -9.00 -34.27 -5.40
N ALA D 92 -9.61 -33.56 -4.45
CA ALA D 92 -8.86 -32.88 -3.41
C ALA D 92 -9.72 -32.02 -2.52
N VAL D 93 -9.08 -31.43 -1.51
CA VAL D 93 -9.78 -30.53 -0.60
C VAL D 93 -9.47 -29.14 -1.14
N TYR D 94 -10.52 -28.36 -1.39
CA TYR D 94 -10.35 -27.01 -1.89
C TYR D 94 -10.49 -26.04 -0.75
N PHE D 95 -9.39 -25.35 -0.48
CA PHE D 95 -9.37 -24.38 0.60
C PHE D 95 -9.60 -22.98 0.09
N CYS D 96 -10.36 -22.24 0.90
CA CYS D 96 -10.65 -20.85 0.63
C CYS D 96 -9.78 -20.09 1.62
N ALA D 97 -9.10 -19.04 1.16
CA ALA D 97 -8.25 -18.25 2.02
C ALA D 97 -8.39 -16.77 1.70
N GLY D 98 -7.98 -15.91 2.63
CA GLY D 98 -8.07 -14.49 2.41
C GLY D 98 -7.09 -13.70 3.26
N VAL D 99 -6.97 -12.41 2.98
CA VAL D 99 -6.06 -11.54 3.73
C VAL D 99 -6.53 -10.10 3.61
N TYR D 100 -6.38 -9.36 4.70
CA TYR D 100 -6.76 -7.95 4.75
C TYR D 100 -5.83 -7.19 3.81
N GLU D 101 -6.40 -6.36 2.94
CA GLU D 101 -5.60 -5.61 1.99
C GLU D 101 -5.51 -4.12 2.33
N GLY D 102 -6.25 -3.73 3.37
CA GLY D 102 -6.27 -2.33 3.77
C GLY D 102 -7.63 -1.71 3.51
N GLU D 103 -7.66 -0.39 3.38
CA GLU D 103 -8.90 0.33 3.13
C GLU D 103 -9.11 0.50 1.63
N ALA D 104 -9.41 -0.61 0.96
CA ALA D 104 -9.64 -0.63 -0.47
C ALA D 104 -10.84 0.23 -0.88
N ASP D 105 -11.81 0.36 0.03
CA ASP D 105 -12.99 1.15 -0.25
C ASP D 105 -12.67 2.65 -0.11
N GLU D 106 -11.40 2.95 0.15
CA GLU D 106 -10.96 4.33 0.29
C GLU D 106 -9.61 4.61 -0.38
N GLY D 107 -9.43 4.09 -1.59
CA GLY D 107 -8.22 4.33 -2.35
C GLY D 107 -6.94 3.56 -2.10
N GLU D 108 -6.85 2.83 -0.99
CA GLU D 108 -5.62 2.11 -0.71
C GLU D 108 -5.70 0.59 -0.90
N TYR D 109 -4.55 -0.03 -1.12
CA TYR D 109 -4.48 -1.46 -1.30
C TYR D 109 -3.04 -1.88 -1.06
N ASP D 110 -2.85 -2.85 -0.17
CA ASP D 110 -1.52 -3.35 0.18
C ASP D 110 -1.02 -4.40 -0.80
N ASN D 111 -1.95 -5.16 -1.34
CA ASN D 111 -1.65 -6.25 -2.26
C ASN D 111 -0.86 -7.30 -1.52
N ASN D 112 -1.41 -7.80 -0.42
CA ASN D 112 -0.73 -8.81 0.37
C ASN D 112 -0.86 -10.16 -0.29
N GLY D 113 0.28 -10.83 -0.45
CA GLY D 113 0.31 -12.13 -1.10
C GLY D 113 0.17 -13.33 -0.19
N PHE D 114 0.35 -13.15 1.11
CA PHE D 114 0.21 -14.25 2.05
C PHE D 114 -1.26 -14.50 2.39
N LEU D 115 -1.52 -15.56 3.13
CA LEU D 115 -2.89 -15.95 3.51
C LEU D 115 -3.06 -16.10 5.02
N LYS D 116 -3.76 -15.14 5.60
CA LYS D 116 -4.01 -15.10 7.04
C LYS D 116 -5.21 -15.96 7.47
N HIS D 117 -6.33 -15.78 6.77
CA HIS D 117 -7.57 -16.50 7.08
C HIS D 117 -7.83 -17.67 6.15
N TRP D 118 -8.29 -18.78 6.75
CA TRP D 118 -8.57 -20.00 6.01
C TRP D 118 -9.94 -20.58 6.32
N GLY D 119 -10.53 -21.24 5.33
CA GLY D 119 -11.81 -21.88 5.54
C GLY D 119 -11.51 -23.29 6.02
N GLN D 120 -12.54 -24.08 6.33
CA GLN D 120 -12.32 -25.44 6.79
C GLN D 120 -11.96 -26.34 5.62
N GLY D 121 -12.26 -25.88 4.41
CA GLY D 121 -11.97 -26.66 3.23
C GLY D 121 -13.22 -27.35 2.69
N THR D 122 -13.16 -27.75 1.43
CA THR D 122 -14.28 -28.45 0.79
C THR D 122 -13.72 -29.65 0.05
N LEU D 123 -14.26 -30.82 0.32
CA LEU D 123 -13.81 -32.02 -0.34
C LEU D 123 -14.59 -32.21 -1.63
N VAL D 124 -13.87 -32.46 -2.71
CA VAL D 124 -14.45 -32.71 -4.01
C VAL D 124 -13.84 -33.99 -4.55
N THR D 125 -14.65 -35.04 -4.61
CA THR D 125 -14.19 -36.32 -5.11
C THR D 125 -14.67 -36.46 -6.54
N VAL D 126 -13.78 -36.83 -7.45
CA VAL D 126 -14.15 -37.00 -8.84
C VAL D 126 -14.14 -38.50 -9.10
N SER D 127 -15.33 -39.06 -9.25
CA SER D 127 -15.46 -40.50 -9.45
C SER D 127 -16.87 -40.85 -9.89
N SER D 128 -16.99 -41.97 -10.62
CA SER D 128 -18.29 -42.44 -11.09
C SER D 128 -18.92 -43.30 -10.01
N ALA D 129 -18.15 -43.60 -8.97
CA ALA D 129 -18.63 -44.41 -7.87
C ALA D 129 -19.94 -43.87 -7.30
N SER D 130 -20.79 -44.78 -6.84
CA SER D 130 -22.06 -44.41 -6.24
C SER D 130 -21.84 -44.27 -4.75
N THR D 131 -22.61 -43.40 -4.12
CA THR D 131 -22.51 -43.22 -2.68
C THR D 131 -22.88 -44.54 -2.03
N LYS D 132 -22.13 -44.95 -1.02
CA LYS D 132 -22.40 -46.20 -0.35
C LYS D 132 -22.03 -46.16 1.13
N GLY D 133 -22.97 -46.56 1.97
CA GLY D 133 -22.74 -46.57 3.39
C GLY D 133 -21.83 -47.71 3.78
N PRO D 134 -21.07 -47.58 4.88
CA PRO D 134 -20.16 -48.64 5.31
C PRO D 134 -20.86 -49.73 6.13
N SER D 135 -20.16 -50.84 6.33
CA SER D 135 -20.65 -51.92 7.17
C SER D 135 -19.73 -51.77 8.35
N VAL D 136 -20.24 -51.90 9.56
CA VAL D 136 -19.37 -51.78 10.73
C VAL D 136 -19.17 -53.13 11.41
N PHE D 137 -17.96 -53.65 11.30
CA PHE D 137 -17.64 -54.93 11.89
C PHE D 137 -16.77 -54.75 13.12
N PRO D 138 -17.00 -55.60 14.14
CA PRO D 138 -16.25 -55.53 15.38
C PRO D 138 -14.84 -56.09 15.28
N LEU D 139 -13.93 -55.48 16.03
CA LEU D 139 -12.55 -55.91 16.12
C LEU D 139 -12.50 -56.40 17.56
N ALA D 140 -12.78 -57.68 17.75
CA ALA D 140 -12.81 -58.27 19.09
C ALA D 140 -11.60 -59.15 19.39
N PRO D 141 -11.13 -59.10 20.65
CA PRO D 141 -9.98 -59.84 21.19
C PRO D 141 -10.00 -61.36 21.01
N SER D 142 -9.14 -61.99 21.80
CA SER D 142 -8.94 -63.44 21.89
C SER D 142 -7.68 -63.60 22.74
N SER D 143 -7.46 -64.79 23.28
CA SER D 143 -6.26 -65.00 24.11
C SER D 143 -5.03 -64.72 23.25
N LYS D 144 -5.19 -64.84 21.93
CA LYS D 144 -4.12 -64.65 20.96
C LYS D 144 -3.49 -63.27 20.73
N SER D 145 -4.24 -62.19 20.90
CA SER D 145 -3.66 -60.86 20.68
C SER D 145 -3.65 -60.01 21.97
N THR D 146 -3.45 -60.65 23.12
CA THR D 146 -3.43 -59.92 24.40
C THR D 146 -2.06 -59.85 25.07
N SER D 147 -1.71 -58.66 25.57
CA SER D 147 -0.41 -58.43 26.22
C SER D 147 -0.50 -57.99 27.69
N GLY D 148 -0.93 -58.91 28.55
CA GLY D 148 -1.04 -58.61 29.98
C GLY D 148 -2.36 -58.03 30.46
N GLY D 149 -2.30 -56.81 30.99
CA GLY D 149 -3.49 -56.16 31.50
C GLY D 149 -4.17 -55.22 30.52
N THR D 150 -3.62 -55.12 29.31
CA THR D 150 -4.18 -54.26 28.29
C THR D 150 -4.81 -55.06 27.16
N ALA D 151 -6.07 -54.74 26.86
CA ALA D 151 -6.80 -55.41 25.80
C ALA D 151 -7.06 -54.34 24.75
N ALA D 152 -7.23 -54.78 23.50
CA ALA D 152 -7.49 -53.85 22.41
C ALA D 152 -8.80 -54.18 21.73
N LEU D 153 -9.56 -53.13 21.42
CA LEU D 153 -10.85 -53.29 20.76
C LEU D 153 -10.91 -52.30 19.60
N GLY D 154 -11.82 -52.52 18.66
CA GLY D 154 -11.92 -51.61 17.54
C GLY D 154 -13.11 -51.85 16.62
N CYS D 155 -13.25 -50.98 15.63
CA CYS D 155 -14.32 -51.09 14.66
C CYS D 155 -13.79 -50.96 13.24
N LEU D 156 -14.12 -51.95 12.43
CA LEU D 156 -13.74 -51.97 11.04
C LEU D 156 -14.93 -51.37 10.28
N VAL D 157 -14.74 -50.17 9.74
CA VAL D 157 -15.77 -49.47 8.98
C VAL D 157 -15.44 -49.73 7.52
N LYS D 158 -16.04 -50.77 6.98
CA LYS D 158 -15.75 -51.21 5.63
C LYS D 158 -16.68 -50.87 4.47
N ASP D 159 -16.06 -50.72 3.30
CA ASP D 159 -16.73 -50.44 2.02
C ASP D 159 -17.74 -49.31 1.96
N TYR D 160 -17.24 -48.08 2.02
CA TYR D 160 -18.10 -46.92 1.93
C TYR D 160 -17.51 -46.00 0.87
N PHE D 161 -18.31 -45.04 0.44
CA PHE D 161 -17.88 -44.07 -0.56
C PHE D 161 -18.87 -42.92 -0.53
N PRO D 162 -18.37 -41.68 -0.53
CA PRO D 162 -16.96 -41.30 -0.56
C PRO D 162 -16.54 -41.03 0.88
N GLU D 163 -15.41 -40.37 1.05
CA GLU D 163 -14.96 -40.00 2.38
C GLU D 163 -15.91 -38.85 2.72
N PRO D 164 -15.96 -38.44 3.99
CA PRO D 164 -15.21 -39.00 5.12
C PRO D 164 -16.09 -39.75 6.08
N VAL D 165 -15.43 -40.40 7.03
CA VAL D 165 -16.09 -41.16 8.07
C VAL D 165 -15.49 -40.66 9.38
N THR D 166 -16.33 -40.47 10.39
CA THR D 166 -15.82 -40.05 11.69
C THR D 166 -16.14 -41.16 12.68
N VAL D 167 -15.25 -41.39 13.63
CA VAL D 167 -15.47 -42.40 14.64
C VAL D 167 -15.14 -41.81 16.00
N SER D 168 -15.99 -42.10 16.97
CA SER D 168 -15.78 -41.63 18.33
C SER D 168 -16.07 -42.87 19.16
N TRP D 169 -15.74 -42.83 20.44
CA TRP D 169 -16.02 -43.98 21.27
C TRP D 169 -16.84 -43.55 22.48
N ASN D 170 -17.87 -44.33 22.81
CA ASN D 170 -18.74 -44.01 23.93
C ASN D 170 -19.18 -42.55 23.83
N SER D 171 -19.73 -42.21 22.67
CA SER D 171 -20.22 -40.87 22.41
C SER D 171 -19.20 -39.78 22.71
N GLY D 172 -17.92 -40.16 22.68
CA GLY D 172 -16.86 -39.19 22.91
C GLY D 172 -16.36 -39.08 24.35
N ALA D 173 -16.92 -39.89 25.23
CA ALA D 173 -16.51 -39.87 26.63
C ALA D 173 -15.14 -40.54 26.74
N LEU D 174 -14.87 -41.47 25.82
CA LEU D 174 -13.62 -42.23 25.77
C LEU D 174 -12.72 -41.67 24.67
N THR D 175 -11.55 -41.16 25.06
CA THR D 175 -10.61 -40.58 24.10
C THR D 175 -9.18 -41.11 24.26
N SER D 176 -8.82 -41.50 25.48
CA SER D 176 -7.48 -42.02 25.74
C SER D 176 -7.32 -43.44 25.24
N GLY D 177 -6.20 -43.69 24.56
CA GLY D 177 -5.92 -45.02 24.03
C GLY D 177 -6.70 -45.26 22.75
N VAL D 178 -7.28 -44.19 22.22
CA VAL D 178 -8.07 -44.28 21.00
C VAL D 178 -7.26 -43.87 19.78
N HIS D 179 -7.20 -44.77 18.81
CA HIS D 179 -6.48 -44.52 17.55
C HIS D 179 -7.40 -44.79 16.38
N THR D 180 -7.73 -43.75 15.64
CA THR D 180 -8.60 -43.85 14.48
C THR D 180 -7.71 -43.64 13.26
N PHE D 181 -7.48 -44.71 12.53
CA PHE D 181 -6.61 -44.67 11.37
C PHE D 181 -7.13 -44.00 10.11
N PRO D 182 -6.19 -43.57 9.24
CA PRO D 182 -6.51 -42.92 7.97
C PRO D 182 -7.24 -43.95 7.12
N ALA D 183 -8.23 -43.51 6.34
CA ALA D 183 -8.94 -44.43 5.50
C ALA D 183 -7.96 -45.00 4.48
N VAL D 184 -8.31 -46.15 3.90
CA VAL D 184 -7.49 -46.73 2.84
C VAL D 184 -8.47 -46.89 1.70
N LEU D 185 -7.98 -46.73 0.47
CA LEU D 185 -8.83 -46.86 -0.70
C LEU D 185 -8.56 -48.20 -1.34
N GLN D 186 -9.58 -49.06 -1.30
CA GLN D 186 -9.46 -50.41 -1.84
C GLN D 186 -9.51 -50.43 -3.35
N SER D 187 -9.10 -51.57 -3.92
CA SER D 187 -9.10 -51.72 -5.36
C SER D 187 -10.50 -51.59 -5.93
N SER D 188 -11.51 -51.88 -5.12
CA SER D 188 -12.90 -51.80 -5.54
C SER D 188 -13.35 -50.36 -5.68
N GLY D 189 -12.51 -49.43 -5.24
CA GLY D 189 -12.87 -48.02 -5.33
C GLY D 189 -13.63 -47.60 -4.08
N LEU D 190 -13.80 -48.55 -3.16
CA LEU D 190 -14.50 -48.25 -1.92
C LEU D 190 -13.48 -48.04 -0.82
N TYR D 191 -13.83 -47.18 0.13
CA TYR D 191 -12.96 -46.87 1.25
C TYR D 191 -13.17 -47.79 2.45
N SER D 192 -12.16 -47.87 3.29
CA SER D 192 -12.21 -48.69 4.49
C SER D 192 -11.44 -47.94 5.56
N LEU D 193 -11.95 -47.95 6.79
CA LEU D 193 -11.31 -47.25 7.90
C LEU D 193 -11.41 -48.03 9.20
N SER D 194 -10.33 -48.05 9.97
CA SER D 194 -10.31 -48.77 11.23
C SER D 194 -10.12 -47.82 12.38
N SER D 195 -10.67 -48.18 13.54
CA SER D 195 -10.53 -47.36 14.73
C SER D 195 -10.44 -48.31 15.91
N VAL D 196 -9.41 -48.12 16.73
CA VAL D 196 -9.24 -48.98 17.88
C VAL D 196 -9.12 -48.20 19.18
N VAL D 197 -9.03 -48.94 20.27
CA VAL D 197 -8.89 -48.35 21.58
C VAL D 197 -8.31 -49.44 22.45
N THR D 198 -7.35 -49.05 23.29
CA THR D 198 -6.73 -49.99 24.21
C THR D 198 -7.34 -49.73 25.57
N VAL D 199 -7.71 -50.79 26.27
CA VAL D 199 -8.32 -50.64 27.58
C VAL D 199 -7.87 -51.76 28.51
N PRO D 200 -8.01 -51.55 29.81
CA PRO D 200 -7.61 -52.56 30.80
C PRO D 200 -8.37 -53.85 30.54
N SER D 201 -7.66 -54.98 30.57
CA SER D 201 -8.30 -56.28 30.35
C SER D 201 -9.31 -56.54 31.47
N SER D 202 -9.12 -55.82 32.57
CA SER D 202 -9.99 -55.92 33.74
C SER D 202 -11.15 -54.95 33.59
N SER D 203 -11.70 -54.88 32.38
CA SER D 203 -12.82 -54.00 32.10
C SER D 203 -13.78 -54.62 31.09
N LEU D 204 -13.32 -55.71 30.46
CA LEU D 204 -14.15 -56.40 29.47
C LEU D 204 -15.33 -57.07 30.16
N GLY D 205 -15.72 -56.54 31.32
CA GLY D 205 -16.83 -57.08 32.07
C GLY D 205 -17.59 -55.94 32.72
N THR D 206 -16.86 -54.89 33.07
CA THR D 206 -17.47 -53.71 33.69
C THR D 206 -17.99 -52.73 32.63
N GLN D 207 -17.17 -51.73 32.29
CA GLN D 207 -17.56 -50.73 31.29
C GLN D 207 -17.77 -51.32 29.90
N THR D 208 -18.64 -50.66 29.13
CA THR D 208 -18.93 -51.09 27.77
C THR D 208 -18.22 -50.15 26.81
N TYR D 209 -17.88 -50.66 25.64
CA TYR D 209 -17.17 -49.89 24.63
C TYR D 209 -17.96 -49.86 23.35
N ILE D 210 -18.35 -48.65 22.95
CA ILE D 210 -19.15 -48.46 21.75
C ILE D 210 -18.50 -47.47 20.79
N CYS D 211 -18.32 -47.87 19.53
CA CYS D 211 -17.75 -46.95 18.56
C CYS D 211 -18.92 -46.31 17.83
N ASN D 212 -18.92 -44.99 17.75
CA ASN D 212 -20.01 -44.29 17.08
C ASN D 212 -19.50 -43.89 15.70
N VAL D 213 -20.04 -44.56 14.68
CA VAL D 213 -19.62 -44.31 13.31
C VAL D 213 -20.62 -43.44 12.56
N ASN D 214 -20.11 -42.41 11.91
CA ASN D 214 -20.99 -41.56 11.14
C ASN D 214 -20.40 -41.37 9.77
N HIS D 215 -21.20 -41.67 8.75
CA HIS D 215 -20.80 -41.50 7.36
C HIS D 215 -21.90 -40.64 6.74
N LYS D 216 -21.78 -39.33 6.96
CA LYS D 216 -22.78 -38.38 6.49
C LYS D 216 -23.16 -38.47 5.01
N PRO D 217 -22.19 -38.63 4.10
CA PRO D 217 -22.54 -38.70 2.68
C PRO D 217 -23.66 -39.71 2.37
N SER D 218 -23.70 -40.84 3.06
CA SER D 218 -24.73 -41.86 2.83
C SER D 218 -25.80 -41.85 3.94
N ASN D 219 -25.75 -40.86 4.82
CA ASN D 219 -26.72 -40.76 5.91
C ASN D 219 -26.71 -41.98 6.82
N THR D 220 -25.54 -42.60 6.95
CA THR D 220 -25.37 -43.78 7.79
C THR D 220 -24.77 -43.40 9.14
N LYS D 221 -25.50 -43.68 10.22
CA LYS D 221 -25.02 -43.38 11.58
C LYS D 221 -25.17 -44.68 12.36
N VAL D 222 -24.06 -45.19 12.86
CA VAL D 222 -24.07 -46.46 13.55
C VAL D 222 -23.34 -46.44 14.89
N ASP D 223 -23.90 -47.12 15.87
CA ASP D 223 -23.31 -47.27 17.19
C ASP D 223 -23.06 -48.76 17.26
N LYS D 224 -21.80 -49.15 17.41
CA LYS D 224 -21.45 -50.57 17.49
C LYS D 224 -20.73 -50.91 18.79
N LYS D 225 -21.36 -51.75 19.60
CA LYS D 225 -20.78 -52.16 20.86
C LYS D 225 -19.84 -53.33 20.57
N VAL D 226 -18.58 -53.19 20.97
CA VAL D 226 -17.58 -54.22 20.72
C VAL D 226 -17.23 -54.99 22.00
N GLU D 227 -17.06 -56.30 21.85
CA GLU D 227 -16.71 -57.17 22.96
C GLU D 227 -16.17 -58.50 22.44
N PRO D 228 -15.51 -59.29 23.29
CA PRO D 228 -14.94 -60.59 22.90
C PRO D 228 -15.95 -61.61 22.36
#